data_4ZT4
#
_entry.id   4ZT4
#
_cell.length_a   87.516
_cell.length_b   106.128
_cell.length_c   207.106
_cell.angle_alpha   90.000
_cell.angle_beta   90.000
_cell.angle_gamma   90.000
#
_symmetry.space_group_name_H-M   'P 21 21 21'
#
loop_
_entity.id
_entity.type
_entity.pdbx_description
1 polymer 'Methionyl-tRNA synthetase'
2 non-polymer METHIONINE
3 non-polymer 'DIMETHYL SULFOXIDE'
4 non-polymer GLYCEROL
5 non-polymer 'SULFATE ION'
6 non-polymer "N-(3,5-dichlorobenzyl)-2,2-difluoro-N'-(1H-imidazo[4,5-b]pyridin-2-yl)propane-1,3-diamine"
7 water water
#
_entity_poly.entity_id   1
_entity_poly.type   'polypeptide(L)'
_entity_poly.pdbx_seq_one_letter_code
;GPGSMKVEKVFFVTSPIYYVNAAPHIGHVYSTLITDVIGRYHRVKGERVFALTGTDEHGQKVAEAAKQKQVSPYDFTTAV
AGEFKKCFEQMDYSIDYFIRTTNEQHKAVVKELWTKLEQKGDIYLGRYEGWYSISDESFLTPQNITDGVDKDGNPCKVSL
ESGHVVTWVSEENYMFRLSAFRERLLEWYHANPGCIVPEFRRREVIRAVEKGLPDLSVSRARATLHNWAIPVPGNPDH
(CAS)VYVWLDALTNYLTGSRLRVDESGKEVSLVDDFNELERFPADVHVIGKDILKFHAIYWPAFLLSAGLPLPKKIVAH
GWWTKDRKKISKSLGNVFDPVEKAEEFGYDALKYFLLRESGFSDDGDYSDKNMIARLNGELADTLGNLVMRCTSAKINVN
GEWPSPAAYTEEDESLIQLIKDLPGTADHYYLIPDIQKAIIAVFDVLRAINAYVTDMAPWKLVKTDPERLRTVLYITLEG
VRVTTLLLSPILPRKSVVIFDMLGVPEVHRKGIENFEFGAVPPGTRLGPAVEGEVLFSKRSTENTKST
;
_entity_poly.pdbx_strand_id   A,B
#
# COMPACT_ATOMS: atom_id res chain seq x y z
N VAL A 7 -30.22 -7.33 -7.82
CA VAL A 7 -31.25 -6.36 -8.32
C VAL A 7 -30.98 -4.93 -7.85
N GLU A 8 -31.48 -3.96 -8.61
CA GLU A 8 -31.35 -2.55 -8.27
C GLU A 8 -32.38 -2.21 -7.19
N LYS A 9 -31.91 -1.61 -6.11
CA LYS A 9 -32.78 -1.14 -5.03
C LYS A 9 -32.21 0.13 -4.42
N VAL A 10 -32.95 0.72 -3.51
CA VAL A 10 -32.43 1.86 -2.76
C VAL A 10 -31.51 1.32 -1.69
N PHE A 11 -30.26 1.80 -1.67
CA PHE A 11 -29.30 1.35 -0.67
C PHE A 11 -29.74 1.90 0.68
N PHE A 12 -29.97 0.99 1.62
CA PHE A 12 -30.62 1.31 2.89
C PHE A 12 -29.64 1.09 4.04
N VAL A 13 -29.23 2.19 4.68
CA VAL A 13 -28.26 2.15 5.78
C VAL A 13 -28.87 2.82 7.00
N THR A 14 -28.64 2.23 8.18
CA THR A 14 -29.26 2.68 9.43
C THR A 14 -28.24 2.84 10.57
N SER A 15 -28.57 3.72 11.51
CA SER A 15 -27.91 3.75 12.81
C SER A 15 -28.84 3.10 13.81
N PRO A 16 -28.36 2.84 15.05
CA PRO A 16 -29.33 2.45 16.05
C PRO A 16 -30.21 3.65 16.32
N ILE A 17 -31.37 3.44 16.94
CA ILE A 17 -32.15 4.54 17.48
C ILE A 17 -31.82 4.64 18.97
N TYR A 18 -31.53 5.84 19.44
CA TYR A 18 -30.88 6.05 20.73
C TYR A 18 -31.89 6.29 21.85
N TYR A 19 -31.60 5.76 23.04
CA TYR A 19 -32.49 5.98 24.19
C TYR A 19 -32.39 7.44 24.55
N VAL A 20 -33.54 8.04 24.86
CA VAL A 20 -33.61 9.47 25.20
C VAL A 20 -33.62 9.75 26.70
N ASN A 21 -32.98 8.87 27.48
CA ASN A 21 -32.88 9.08 28.91
C ASN A 21 -31.89 10.18 29.25
N ALA A 22 -30.99 10.44 28.31
CA ALA A 22 -29.88 11.38 28.51
C ALA A 22 -29.61 12.12 27.21
N ALA A 23 -28.84 13.18 27.35
CA ALA A 23 -28.45 14.02 26.23
C ALA A 23 -27.53 13.30 25.25
N PRO A 24 -27.51 13.74 23.98
CA PRO A 24 -26.62 13.12 23.01
C PRO A 24 -25.15 13.31 23.40
N HIS A 25 -24.34 12.28 23.12
CA HIS A 25 -22.94 12.27 23.46
C HIS A 25 -22.14 11.62 22.33
N ILE A 26 -20.85 11.47 22.54
CA ILE A 26 -19.94 10.99 21.51
C ILE A 26 -20.32 9.63 20.88
N GLY A 27 -20.73 8.67 21.70
CA GLY A 27 -21.21 7.37 21.20
C GLY A 27 -22.29 7.47 20.12
N HIS A 28 -23.28 8.33 20.36
CA HIS A 28 -24.37 8.50 19.41
C HIS A 28 -23.89 9.16 18.12
N VAL A 29 -23.02 10.15 18.30
CA VAL A 29 -22.43 10.89 17.20
C VAL A 29 -21.54 9.99 16.34
N TYR A 30 -20.77 9.12 16.98
CA TYR A 30 -19.92 8.15 16.30
C TYR A 30 -20.74 7.15 15.48
N SER A 31 -21.77 6.58 16.08
CA SER A 31 -22.60 5.59 15.37
C SER A 31 -23.26 6.21 14.15
N THR A 32 -23.82 7.40 14.32
CA THR A 32 -24.51 8.10 13.22
C THR A 32 -23.51 8.62 12.18
N LEU A 33 -22.30 8.95 12.59
CA LEU A 33 -21.23 9.33 11.66
C LEU A 33 -20.92 8.20 10.67
N ILE A 34 -20.76 6.99 11.21
CA ILE A 34 -20.47 5.82 10.40
C ILE A 34 -21.59 5.61 9.41
N THR A 35 -22.82 5.67 9.89
CA THR A 35 -24.01 5.53 9.04
C THR A 35 -23.97 6.57 7.92
N ASP A 36 -23.66 7.81 8.28
CA ASP A 36 -23.61 8.91 7.34
C ASP A 36 -22.55 8.72 6.25
N VAL A 37 -21.36 8.33 6.67
CA VAL A 37 -20.25 8.08 5.76
C VAL A 37 -20.62 7.00 4.74
N ILE A 38 -21.17 5.89 5.22
CA ILE A 38 -21.57 4.81 4.31
C ILE A 38 -22.60 5.32 3.31
N GLY A 39 -23.63 6.00 3.79
CA GLY A 39 -24.62 6.60 2.92
C GLY A 39 -23.98 7.54 1.90
N ARG A 40 -23.08 8.41 2.35
CA ARG A 40 -22.42 9.35 1.45
C ARG A 40 -21.62 8.62 0.37
N TYR A 41 -20.88 7.59 0.74
CA TYR A 41 -20.09 6.85 -0.26
C TYR A 41 -20.99 6.30 -1.36
N HIS A 42 -22.13 5.73 -0.99
CA HIS A 42 -23.02 5.14 -2.00
C HIS A 42 -23.68 6.22 -2.88
N ARG A 43 -23.91 7.40 -2.32
CA ARG A 43 -24.44 8.51 -3.11
C ARG A 43 -23.38 9.00 -4.11
N VAL A 44 -22.11 9.07 -3.69
CA VAL A 44 -21.04 9.47 -4.62
C VAL A 44 -20.86 8.40 -5.72
N LYS A 45 -21.13 7.15 -5.38
CA LYS A 45 -21.09 6.07 -6.35
C LYS A 45 -22.25 6.17 -7.37
N GLY A 46 -23.25 6.99 -7.07
CA GLY A 46 -24.38 7.23 -7.97
C GLY A 46 -25.60 6.40 -7.66
N GLU A 47 -25.63 5.75 -6.50
CA GLU A 47 -26.78 4.92 -6.12
C GLU A 47 -27.84 5.74 -5.42
N ARG A 48 -29.07 5.25 -5.43
CA ARG A 48 -30.12 5.79 -4.58
C ARG A 48 -29.82 5.35 -3.18
N VAL A 49 -30.04 6.25 -2.21
CA VAL A 49 -29.72 5.98 -0.82
C VAL A 49 -30.82 6.47 0.11
N PHE A 50 -31.10 5.68 1.13
CA PHE A 50 -31.91 6.10 2.27
C PHE A 50 -31.17 5.78 3.56
N ALA A 51 -30.72 6.83 4.24
CA ALA A 51 -30.00 6.70 5.48
C ALA A 51 -30.92 7.11 6.64
N LEU A 52 -30.98 6.28 7.67
CA LEU A 52 -31.96 6.41 8.75
C LEU A 52 -31.27 6.50 10.10
N THR A 53 -31.72 7.45 10.93
CA THR A 53 -31.33 7.49 12.34
C THR A 53 -32.55 7.90 13.17
N GLY A 54 -32.42 7.94 14.50
CA GLY A 54 -33.52 8.40 15.35
C GLY A 54 -33.46 8.04 16.84
N THR A 55 -34.62 8.10 17.50
CA THR A 55 -34.69 7.96 18.94
C THR A 55 -35.62 6.85 19.41
N ASP A 56 -35.19 6.16 20.47
CA ASP A 56 -35.90 5.05 21.09
C ASP A 56 -36.56 5.62 22.35
N GLU A 57 -37.88 5.79 22.32
CA GLU A 57 -38.53 6.70 23.27
C GLU A 57 -39.39 6.04 24.35
N HIS A 58 -39.78 4.78 24.18
CA HIS A 58 -40.58 4.09 25.19
C HIS A 58 -39.73 3.34 26.20
N GLY A 59 -40.41 2.73 27.17
CA GLY A 59 -39.77 1.79 28.07
C GLY A 59 -39.56 2.37 29.43
N GLN A 60 -39.30 1.46 30.37
CA GLN A 60 -39.12 1.76 31.78
C GLN A 60 -38.02 2.78 32.04
N LYS A 61 -36.85 2.54 31.46
CA LYS A 61 -35.69 3.45 31.56
C LYS A 61 -35.95 4.92 31.22
N VAL A 62 -36.53 5.17 30.06
CA VAL A 62 -36.95 6.53 29.70
C VAL A 62 -37.97 7.12 30.68
N ALA A 63 -39.01 6.35 30.98
CA ALA A 63 -40.09 6.83 31.85
C ALA A 63 -39.60 7.11 33.27
N GLU A 64 -38.58 6.40 33.71
CA GLU A 64 -37.95 6.67 35.01
C GLU A 64 -37.08 7.92 34.98
N ALA A 65 -36.38 8.13 33.87
CA ALA A 65 -35.62 9.37 33.67
C ALA A 65 -36.53 10.60 33.63
N ALA A 66 -37.65 10.48 32.91
CA ALA A 66 -38.70 11.51 32.92
C ALA A 66 -39.16 11.82 34.34
N LYS A 67 -39.39 10.78 35.12
CA LYS A 67 -39.87 10.94 36.50
C LYS A 67 -38.81 11.62 37.37
N GLN A 68 -37.54 11.30 37.14
CA GLN A 68 -36.45 11.94 37.87
C GLN A 68 -36.46 13.46 37.63
N LYS A 69 -36.58 13.87 36.37
CA LYS A 69 -36.66 15.29 36.04
C LYS A 69 -38.01 15.94 36.37
N GLN A 70 -38.94 15.18 36.95
CA GLN A 70 -40.25 15.70 37.37
C GLN A 70 -41.03 16.32 36.19
N VAL A 71 -41.05 15.58 35.08
CA VAL A 71 -41.70 16.03 33.84
C VAL A 71 -42.38 14.82 33.17
N SER A 72 -43.42 15.05 32.36
CA SER A 72 -44.15 13.92 31.74
C SER A 72 -43.30 13.25 30.67
N PRO A 73 -43.50 11.93 30.46
CA PRO A 73 -42.73 11.22 29.43
C PRO A 73 -42.87 11.85 28.04
N TYR A 74 -44.08 12.28 27.70
CA TYR A 74 -44.34 12.95 26.42
C TYR A 74 -43.47 14.18 26.24
N ASP A 75 -43.46 15.04 27.27
CA ASP A 75 -42.70 16.29 27.19
C ASP A 75 -41.21 16.02 27.17
N PHE A 76 -40.79 15.05 27.98
CA PHE A 76 -39.40 14.71 28.15
C PHE A 76 -38.80 14.16 26.86
N THR A 77 -39.48 13.20 26.24
CA THR A 77 -39.00 12.58 25.02
C THR A 77 -38.93 13.58 23.87
N THR A 78 -39.94 14.43 23.75
CA THR A 78 -39.97 15.44 22.69
C THR A 78 -38.79 16.42 22.80
N ALA A 79 -38.49 16.82 24.03
CA ALA A 79 -37.39 17.76 24.28
C ALA A 79 -36.03 17.12 23.98
N VAL A 80 -35.80 15.91 24.47
CA VAL A 80 -34.53 15.23 24.27
C VAL A 80 -34.34 14.82 22.82
N ALA A 81 -35.42 14.43 22.14
CA ALA A 81 -35.36 14.15 20.71
C ALA A 81 -34.93 15.39 19.93
N GLY A 82 -35.47 16.54 20.33
CA GLY A 82 -35.06 17.82 19.76
C GLY A 82 -33.58 18.11 19.95
N GLU A 83 -33.02 17.71 21.09
CA GLU A 83 -31.59 17.82 21.35
C GLU A 83 -30.77 16.91 20.42
N PHE A 84 -31.26 15.70 20.16
CA PHE A 84 -30.59 14.80 19.21
C PHE A 84 -30.59 15.38 17.78
N LYS A 85 -31.75 15.87 17.34
CA LYS A 85 -31.87 16.46 16.00
C LYS A 85 -30.90 17.61 15.83
N LYS A 86 -30.86 18.48 16.83
CA LYS A 86 -29.99 19.64 16.81
C LYS A 86 -28.52 19.22 16.74
N CYS A 87 -28.14 18.25 17.56
CA CYS A 87 -26.79 17.70 17.56
C CYS A 87 -26.38 17.21 16.19
N PHE A 88 -27.26 16.45 15.53
CA PHE A 88 -26.96 15.88 14.22
C PHE A 88 -26.96 16.93 13.10
N GLU A 89 -27.75 17.99 13.27
CA GLU A 89 -27.66 19.13 12.35
C GLU A 89 -26.32 19.84 12.51
N GLN A 90 -25.96 20.13 13.75
CA GLN A 90 -24.71 20.79 14.03
C GLN A 90 -23.51 19.98 13.51
N MET A 91 -23.61 18.65 13.56
CA MET A 91 -22.55 17.76 13.07
C MET A 91 -22.49 17.66 11.55
N ASP A 92 -23.46 18.24 10.86
CA ASP A 92 -23.43 18.35 9.40
C ASP A 92 -23.49 16.96 8.74
N TYR A 93 -24.41 16.13 9.22
CA TYR A 93 -24.68 14.82 8.63
C TYR A 93 -25.62 14.98 7.45
N SER A 94 -25.85 13.90 6.70
CA SER A 94 -26.77 13.94 5.57
C SER A 94 -27.68 12.72 5.64
N ILE A 95 -28.40 12.63 6.76
CA ILE A 95 -29.32 11.53 7.03
C ILE A 95 -30.66 11.88 6.41
N ASP A 96 -31.30 10.90 5.78
CA ASP A 96 -32.50 11.14 5.02
C ASP A 96 -33.76 11.26 5.88
N TYR A 97 -33.77 10.62 7.05
CA TYR A 97 -34.93 10.69 7.94
C TYR A 97 -34.55 10.43 9.40
N PHE A 98 -35.23 11.14 10.30
CA PHE A 98 -35.06 10.98 11.74
C PHE A 98 -36.35 10.40 12.33
N ILE A 99 -36.28 9.15 12.77
CA ILE A 99 -37.48 8.44 13.24
C ILE A 99 -37.57 8.44 14.77
N ARG A 100 -38.80 8.57 15.27
CA ARG A 100 -39.10 8.54 16.69
C ARG A 100 -40.13 7.44 16.93
N THR A 101 -39.90 6.59 17.93
CA THR A 101 -40.81 5.47 18.17
C THR A 101 -42.18 5.90 18.72
N THR A 102 -42.31 7.16 19.16
CA THR A 102 -43.61 7.73 19.54
C THR A 102 -44.46 8.07 18.32
N ASN A 103 -43.85 8.05 17.14
CA ASN A 103 -44.58 8.33 15.91
C ASN A 103 -45.72 7.32 15.72
N GLU A 104 -46.89 7.84 15.34
CA GLU A 104 -48.10 7.03 15.22
C GLU A 104 -47.98 5.97 14.11
N GLN A 105 -47.30 6.31 13.01
CA GLN A 105 -47.10 5.36 11.91
C GLN A 105 -46.19 4.20 12.35
N HIS A 106 -45.18 4.50 13.14
CA HIS A 106 -44.33 3.43 13.69
C HIS A 106 -45.10 2.45 14.58
N LYS A 107 -46.01 2.98 15.40
CA LYS A 107 -46.79 2.15 16.30
C LYS A 107 -47.68 1.20 15.52
N ALA A 108 -48.22 1.67 14.40
CA ALA A 108 -49.06 0.85 13.51
C ALA A 108 -48.27 -0.33 12.96
N VAL A 109 -47.03 -0.07 12.60
CA VAL A 109 -46.14 -1.10 12.08
C VAL A 109 -45.80 -2.13 13.16
N VAL A 110 -45.52 -1.64 14.37
CA VAL A 110 -45.26 -2.55 15.48
C VAL A 110 -46.45 -3.52 15.66
N LYS A 111 -47.66 -2.97 15.68
CA LYS A 111 -48.88 -3.77 15.81
C LYS A 111 -49.07 -4.78 14.67
N GLU A 112 -48.78 -4.37 13.43
CA GLU A 112 -48.81 -5.29 12.28
C GLU A 112 -47.85 -6.45 12.50
N LEU A 113 -46.62 -6.13 12.83
CA LEU A 113 -45.59 -7.15 12.98
C LEU A 113 -45.90 -8.08 14.15
N TRP A 114 -46.35 -7.51 15.26
CA TRP A 114 -46.79 -8.33 16.38
C TRP A 114 -47.86 -9.34 15.93
N THR A 115 -48.89 -8.83 15.26
CA THR A 115 -50.03 -9.64 14.83
C THR A 115 -49.59 -10.75 13.88
N LYS A 116 -48.63 -10.44 13.01
CA LYS A 116 -48.09 -11.43 12.09
C LYS A 116 -47.39 -12.58 12.86
N LEU A 117 -46.54 -12.23 13.80
CA LEU A 117 -45.87 -13.23 14.64
C LEU A 117 -46.86 -14.12 15.40
N GLU A 118 -47.94 -13.51 15.90
CA GLU A 118 -48.94 -14.24 16.67
C GLU A 118 -49.67 -15.20 15.72
N GLN A 119 -50.07 -14.71 14.55
CA GLN A 119 -50.72 -15.54 13.53
C GLN A 119 -49.87 -16.74 13.08
N LYS A 120 -48.56 -16.55 12.98
CA LYS A 120 -47.64 -17.64 12.61
C LYS A 120 -47.49 -18.69 13.70
N GLY A 121 -48.02 -18.42 14.90
CA GLY A 121 -47.90 -19.34 16.04
C GLY A 121 -46.64 -19.16 16.85
N ASP A 122 -45.98 -18.01 16.66
CA ASP A 122 -44.67 -17.78 17.27
C ASP A 122 -44.70 -16.94 18.55
N ILE A 123 -45.89 -16.43 18.90
CA ILE A 123 -46.10 -15.80 20.22
C ILE A 123 -47.14 -16.55 21.11
N TYR A 124 -46.74 -16.90 22.34
CA TYR A 124 -47.62 -17.58 23.33
C TYR A 124 -47.56 -16.87 24.69
N LEU A 125 -48.57 -17.09 25.52
CA LEU A 125 -48.62 -16.50 26.84
C LEU A 125 -47.86 -17.41 27.80
N GLY A 126 -46.84 -16.86 28.47
CA GLY A 126 -46.02 -17.60 29.44
C GLY A 126 -45.56 -16.72 30.59
N ARG A 127 -44.41 -17.06 31.19
CA ARG A 127 -43.80 -16.27 32.29
C ARG A 127 -42.32 -16.11 32.06
N TYR A 128 -41.80 -14.92 32.36
CA TYR A 128 -40.39 -14.73 32.60
C TYR A 128 -40.14 -14.58 34.10
N GLU A 129 -39.29 -15.44 34.61
CA GLU A 129 -38.76 -15.34 35.97
C GLU A 129 -37.23 -15.33 35.87
N GLY A 130 -36.63 -14.16 36.08
CA GLY A 130 -35.19 -14.02 35.93
C GLY A 130 -34.69 -12.59 36.07
N TRP A 131 -33.40 -12.42 35.81
CA TRP A 131 -32.76 -11.11 35.96
C TRP A 131 -33.02 -10.22 34.76
N TYR A 132 -32.93 -8.92 34.98
CA TYR A 132 -33.23 -7.92 33.96
C TYR A 132 -32.45 -6.64 34.24
N SER A 133 -31.72 -6.15 33.25
CA SER A 133 -31.07 -4.84 33.35
C SER A 133 -31.98 -3.78 32.72
N ILE A 134 -32.57 -2.93 33.55
CA ILE A 134 -33.46 -1.87 33.07
C ILE A 134 -32.72 -0.90 32.17
N SER A 135 -31.48 -0.60 32.53
CA SER A 135 -30.67 0.34 31.78
C SER A 135 -30.31 -0.15 30.36
N ASP A 136 -30.15 -1.47 30.19
CA ASP A 136 -29.91 -2.06 28.87
C ASP A 136 -31.20 -2.64 28.26
N GLU A 137 -32.29 -2.65 29.02
CA GLU A 137 -33.55 -3.27 28.63
C GLU A 137 -33.31 -4.71 28.17
N SER A 138 -32.45 -5.41 28.91
CA SER A 138 -31.95 -6.72 28.53
C SER A 138 -32.25 -7.78 29.58
N PHE A 139 -32.77 -8.91 29.12
CA PHE A 139 -32.89 -10.10 29.95
C PHE A 139 -31.53 -10.74 30.06
N LEU A 140 -31.20 -11.21 31.25
CA LEU A 140 -29.91 -11.82 31.53
C LEU A 140 -30.10 -13.12 32.29
N THR A 141 -29.26 -14.12 32.00
CA THR A 141 -29.25 -15.37 32.76
C THR A 141 -28.37 -15.19 34.00
N PRO A 142 -28.44 -16.13 34.97
CA PRO A 142 -27.59 -16.00 36.18
C PRO A 142 -26.08 -15.98 35.90
N GLN A 143 -25.66 -16.58 34.79
CA GLN A 143 -24.25 -16.60 34.37
C GLN A 143 -23.75 -15.22 33.88
N ASN A 144 -24.68 -14.32 33.57
CA ASN A 144 -24.35 -12.98 33.10
C ASN A 144 -24.50 -11.88 34.15
N ILE A 145 -24.56 -12.26 35.42
CA ILE A 145 -24.62 -11.30 36.51
C ILE A 145 -23.52 -11.60 37.54
N THR A 146 -23.24 -10.62 38.39
CA THR A 146 -22.28 -10.79 39.47
C THR A 146 -22.54 -9.73 40.54
N ASP A 147 -21.72 -9.71 41.59
CA ASP A 147 -21.90 -8.78 42.71
C ASP A 147 -21.31 -7.40 42.44
N GLY A 148 -21.96 -6.37 42.99
CA GLY A 148 -21.53 -4.99 42.82
C GLY A 148 -22.26 -4.01 43.72
N VAL A 149 -22.26 -2.74 43.33
CA VAL A 149 -22.89 -1.68 44.13
C VAL A 149 -23.72 -0.68 43.31
N ASP A 150 -24.68 -0.07 43.99
CA ASP A 150 -25.64 0.87 43.38
C ASP A 150 -25.34 2.30 43.83
N LYS A 151 -26.23 3.24 43.49
CA LYS A 151 -26.09 4.65 43.90
C LYS A 151 -25.85 4.84 45.41
N ASP A 152 -26.47 3.98 46.23
CA ASP A 152 -26.29 4.01 47.70
C ASP A 152 -24.94 3.46 48.16
N GLY A 153 -24.26 2.70 47.30
CA GLY A 153 -23.06 1.97 47.69
C GLY A 153 -23.43 0.77 48.56
N ASN A 154 -24.58 0.14 48.25
CA ASN A 154 -25.06 -1.04 48.97
C ASN A 154 -24.91 -2.28 48.08
N PRO A 155 -24.78 -3.47 48.69
CA PRO A 155 -24.56 -4.66 47.88
C PRO A 155 -25.74 -4.93 46.96
N CYS A 156 -25.47 -5.03 45.66
CA CYS A 156 -26.50 -5.32 44.68
C CYS A 156 -25.92 -6.26 43.63
N LYS A 157 -26.76 -6.67 42.68
CA LYS A 157 -26.28 -7.43 41.54
C LYS A 157 -26.10 -6.49 40.35
N VAL A 158 -25.08 -6.74 39.53
CA VAL A 158 -24.85 -5.95 38.33
C VAL A 158 -24.68 -6.86 37.12
N SER A 159 -24.89 -6.30 35.93
CA SER A 159 -24.68 -7.03 34.68
C SER A 159 -23.21 -7.25 34.40
N LEU A 160 -22.84 -8.44 33.95
CA LEU A 160 -21.46 -8.70 33.52
C LEU A 160 -21.16 -7.97 32.21
N GLU A 161 -22.13 -7.94 31.30
CA GLU A 161 -21.95 -7.28 30.01
C GLU A 161 -21.77 -5.75 30.14
N SER A 162 -22.56 -5.08 30.99
CA SER A 162 -22.56 -3.61 31.05
C SER A 162 -22.20 -2.97 32.40
N GLY A 163 -22.33 -3.71 33.50
CA GLY A 163 -22.07 -3.16 34.83
C GLY A 163 -23.24 -2.43 35.49
N HIS A 164 -24.37 -2.36 34.80
CA HIS A 164 -25.56 -1.71 35.37
C HIS A 164 -26.32 -2.64 36.32
N VAL A 165 -27.13 -2.05 37.18
CA VAL A 165 -27.82 -2.78 38.24
C VAL A 165 -28.92 -3.67 37.64
N VAL A 166 -28.98 -4.91 38.11
CA VAL A 166 -30.01 -5.86 37.65
C VAL A 166 -31.03 -6.14 38.76
N THR A 167 -32.29 -6.32 38.36
CA THR A 167 -33.36 -6.64 39.28
C THR A 167 -34.04 -7.93 38.83
N TRP A 168 -34.61 -8.66 39.78
CA TRP A 168 -35.32 -9.90 39.49
C TRP A 168 -36.75 -9.59 39.08
N VAL A 169 -37.17 -10.14 37.94
CA VAL A 169 -38.50 -9.95 37.43
C VAL A 169 -39.27 -11.26 37.45
N SER A 170 -40.53 -11.24 37.89
CA SER A 170 -41.40 -12.41 37.83
C SER A 170 -42.77 -11.97 37.37
N GLU A 171 -43.01 -12.11 36.07
CA GLU A 171 -44.24 -11.65 35.45
C GLU A 171 -44.75 -12.63 34.42
N GLU A 172 -46.07 -12.70 34.31
CA GLU A 172 -46.73 -13.30 33.16
C GLU A 172 -46.53 -12.40 31.94
N ASN A 173 -45.98 -12.98 30.88
CA ASN A 173 -45.52 -12.24 29.70
C ASN A 173 -45.84 -13.02 28.42
N TYR A 174 -46.21 -12.31 27.37
CA TYR A 174 -46.18 -12.89 26.04
C TYR A 174 -44.76 -13.27 25.69
N MET A 175 -44.59 -14.50 25.17
CA MET A 175 -43.27 -15.05 24.88
C MET A 175 -43.14 -15.34 23.38
N PHE A 176 -42.02 -14.91 22.80
CA PHE A 176 -41.68 -15.24 21.41
C PHE A 176 -40.84 -16.51 21.39
N ARG A 177 -41.18 -17.45 20.50
CA ARG A 177 -40.56 -18.77 20.44
C ARG A 177 -39.17 -18.75 19.79
N LEU A 178 -38.24 -18.02 20.39
CA LEU A 178 -36.92 -17.83 19.83
C LEU A 178 -36.16 -19.16 19.68
N SER A 179 -36.39 -20.07 20.63
CA SER A 179 -35.72 -21.36 20.64
C SER A 179 -35.95 -22.11 19.35
N ALA A 180 -37.10 -21.89 18.73
CA ALA A 180 -37.45 -22.58 17.50
C ALA A 180 -36.66 -22.08 16.28
N PHE A 181 -35.94 -20.98 16.42
CA PHE A 181 -35.23 -20.38 15.29
C PHE A 181 -33.72 -20.65 15.25
N ARG A 182 -33.23 -21.49 16.16
CA ARG A 182 -31.79 -21.76 16.27
C ARG A 182 -31.16 -22.31 14.98
N GLU A 183 -31.73 -23.38 14.44
CA GLU A 183 -31.20 -23.99 13.21
C GLU A 183 -31.19 -22.99 12.06
N ARG A 184 -32.28 -22.26 11.90
CA ARG A 184 -32.43 -21.32 10.81
C ARG A 184 -31.46 -20.14 10.93
N LEU A 185 -31.22 -19.67 12.15
CA LEU A 185 -30.24 -18.60 12.34
C LEU A 185 -28.83 -19.10 12.02
N LEU A 186 -28.47 -20.30 12.49
CA LEU A 186 -27.17 -20.88 12.17
C LEU A 186 -26.99 -21.08 10.66
N GLU A 187 -28.03 -21.56 9.99
CA GLU A 187 -28.02 -21.65 8.52
C GLU A 187 -27.73 -20.29 7.88
N TRP A 188 -28.38 -19.25 8.39
CA TRP A 188 -28.21 -17.92 7.86
C TRP A 188 -26.77 -17.40 8.02
N TYR A 189 -26.20 -17.53 9.21
CA TYR A 189 -24.83 -17.10 9.47
C TYR A 189 -23.81 -17.82 8.58
N HIS A 190 -24.01 -19.12 8.36
CA HIS A 190 -23.06 -19.92 7.58
C HIS A 190 -23.19 -19.68 6.08
N ALA A 191 -24.41 -19.44 5.61
CA ALA A 191 -24.64 -19.19 4.18
C ALA A 191 -24.25 -17.78 3.80
N ASN A 192 -24.13 -16.89 4.79
CA ASN A 192 -23.79 -15.49 4.53
C ASN A 192 -22.67 -15.04 5.46
N PRO A 193 -21.46 -15.54 5.23
CA PRO A 193 -20.38 -15.38 6.20
C PRO A 193 -19.81 -13.97 6.30
N GLY A 194 -20.30 -13.03 5.48
CA GLY A 194 -20.05 -11.63 5.69
C GLY A 194 -21.22 -10.84 6.27
N CYS A 195 -22.22 -11.51 6.84
CA CYS A 195 -23.43 -10.80 7.30
C CYS A 195 -23.23 -10.07 8.63
N ILE A 196 -22.19 -10.43 9.37
CA ILE A 196 -21.83 -9.76 10.61
C ILE A 196 -20.35 -9.42 10.57
N VAL A 197 -20.02 -8.18 10.92
CA VAL A 197 -18.69 -7.62 10.81
C VAL A 197 -18.40 -6.79 12.08
N PRO A 198 -17.20 -6.88 12.64
CA PRO A 198 -16.08 -7.68 12.13
C PRO A 198 -16.24 -9.16 12.47
N GLU A 199 -15.37 -9.97 11.88
CA GLU A 199 -15.49 -11.41 11.88
C GLU A 199 -15.50 -12.03 13.28
N PHE A 200 -14.66 -11.53 14.20
CA PHE A 200 -14.66 -12.11 15.55
C PHE A 200 -16.02 -11.93 16.25
N ARG A 201 -16.75 -10.88 15.91
CA ARG A 201 -18.09 -10.66 16.46
C ARG A 201 -19.10 -11.61 15.83
N ARG A 202 -18.91 -11.93 14.55
CA ARG A 202 -19.68 -12.99 13.91
C ARG A 202 -19.47 -14.33 14.62
N ARG A 203 -18.22 -14.68 14.91
CA ARG A 203 -17.93 -15.92 15.63
C ARG A 203 -18.61 -15.96 17.00
N GLU A 204 -18.51 -14.85 17.76
CA GLU A 204 -19.21 -14.72 19.05
C GLU A 204 -20.71 -15.05 18.93
N VAL A 205 -21.37 -14.50 17.93
CA VAL A 205 -22.81 -14.69 17.76
C VAL A 205 -23.10 -16.17 17.48
N ILE A 206 -22.31 -16.76 16.61
CA ILE A 206 -22.47 -18.16 16.24
C ILE A 206 -22.29 -19.08 17.46
N ARG A 207 -21.27 -18.83 18.27
CA ARG A 207 -21.03 -19.66 19.46
C ARG A 207 -22.23 -19.60 20.39
N ALA A 208 -22.74 -18.39 20.60
CA ALA A 208 -23.89 -18.18 21.49
C ALA A 208 -25.14 -18.92 21.04
N VAL A 209 -25.43 -18.87 19.75
CA VAL A 209 -26.61 -19.55 19.21
C VAL A 209 -26.44 -21.07 19.20
N GLU A 210 -25.23 -21.55 18.91
CA GLU A 210 -24.94 -23.00 19.01
C GLU A 210 -25.27 -23.56 20.40
N LYS A 211 -24.92 -22.82 21.45
CA LYS A 211 -25.17 -23.25 22.83
C LYS A 211 -26.65 -23.47 23.14
N GLY A 212 -27.53 -22.75 22.45
CA GLY A 212 -28.97 -22.91 22.59
C GLY A 212 -29.62 -21.56 22.83
N LEU A 213 -30.90 -21.44 22.48
CA LEU A 213 -31.63 -20.19 22.66
C LEU A 213 -32.86 -20.44 23.52
N PRO A 214 -33.02 -19.64 24.58
CA PRO A 214 -34.29 -19.68 25.29
C PRO A 214 -35.33 -18.84 24.53
N ASP A 215 -36.60 -19.02 24.87
CA ASP A 215 -37.65 -18.16 24.33
C ASP A 215 -37.49 -16.81 25.00
N LEU A 216 -38.11 -15.79 24.40
CA LEU A 216 -37.87 -14.41 24.77
C LEU A 216 -39.16 -13.70 25.12
N SER A 217 -39.16 -13.03 26.26
CA SER A 217 -40.29 -12.22 26.66
C SER A 217 -40.43 -11.02 25.75
N VAL A 218 -41.57 -10.92 25.06
CA VAL A 218 -41.83 -9.79 24.18
C VAL A 218 -42.94 -8.86 24.68
N SER A 219 -43.45 -9.11 25.89
CA SER A 219 -44.33 -8.14 26.54
C SER A 219 -43.98 -7.98 28.02
N ARG A 220 -44.50 -6.93 28.62
CA ARG A 220 -44.36 -6.70 30.05
C ARG A 220 -45.68 -6.15 30.56
N ALA A 221 -45.91 -6.32 31.87
CA ALA A 221 -47.09 -5.76 32.52
C ALA A 221 -47.03 -4.24 32.45
N ARG A 222 -48.17 -3.61 32.17
CA ARG A 222 -48.20 -2.17 31.90
C ARG A 222 -47.73 -1.32 33.09
N ALA A 223 -48.09 -1.73 34.30
CA ALA A 223 -47.62 -1.01 35.50
C ALA A 223 -46.10 -0.98 35.59
N THR A 224 -45.45 -2.08 35.21
CA THR A 224 -43.99 -2.16 35.28
C THR A 224 -43.32 -1.08 34.42
N LEU A 225 -43.88 -0.82 33.24
CA LEU A 225 -43.34 0.18 32.32
C LEU A 225 -43.98 1.55 32.48
N HIS A 226 -44.71 1.76 33.58
CA HIS A 226 -45.36 3.03 33.86
C HIS A 226 -46.26 3.46 32.67
N ASN A 227 -46.86 2.47 32.01
CA ASN A 227 -47.74 2.69 30.86
C ASN A 227 -47.12 3.50 29.71
N TRP A 228 -45.79 3.45 29.59
CA TRP A 228 -45.09 4.23 28.60
C TRP A 228 -44.47 3.30 27.55
N ALA A 229 -45.33 2.81 26.67
CA ALA A 229 -44.99 1.77 25.70
C ALA A 229 -46.21 1.48 24.82
N ILE A 230 -46.05 0.61 23.82
CA ILE A 230 -47.10 0.33 22.86
C ILE A 230 -47.97 -0.83 23.38
N PRO A 231 -49.29 -0.64 23.45
CA PRO A 231 -50.15 -1.74 23.88
C PRO A 231 -50.10 -2.94 22.96
N VAL A 232 -50.09 -4.12 23.55
CA VAL A 232 -50.19 -5.34 22.78
C VAL A 232 -51.57 -5.37 22.13
N PRO A 233 -51.62 -5.60 20.81
CA PRO A 233 -52.92 -5.73 20.14
C PRO A 233 -53.77 -6.82 20.76
N GLY A 234 -55.00 -6.48 21.16
CA GLY A 234 -55.92 -7.41 21.78
C GLY A 234 -55.67 -7.71 23.25
N ASN A 235 -54.75 -6.98 23.90
CA ASN A 235 -54.53 -7.14 25.34
C ASN A 235 -53.92 -5.89 25.99
N PRO A 236 -54.78 -4.92 26.37
CA PRO A 236 -54.36 -3.64 26.96
C PRO A 236 -53.55 -3.73 28.26
N ASP A 237 -53.57 -4.88 28.94
CA ASP A 237 -52.81 -5.04 30.18
C ASP A 237 -51.33 -5.28 29.92
N HIS A 238 -50.98 -5.54 28.67
CA HIS A 238 -49.59 -5.82 28.30
C HIS A 238 -49.06 -4.78 27.32
N VAL A 240 -45.78 -3.90 24.55
CA VAL A 240 -44.75 -4.48 23.70
C VAL A 240 -43.36 -4.14 24.25
N TYR A 241 -42.53 -5.17 24.37
CA TYR A 241 -41.10 -5.06 24.75
C TYR A 241 -40.44 -3.96 23.98
N VAL A 242 -39.73 -3.10 24.69
CA VAL A 242 -39.16 -1.91 24.10
C VAL A 242 -38.24 -2.25 22.90
N TRP A 243 -37.54 -3.38 22.95
CA TRP A 243 -36.65 -3.83 21.86
C TRP A 243 -37.35 -4.34 20.59
N LEU A 244 -38.51 -4.98 20.72
CA LEU A 244 -39.30 -5.34 19.53
C LEU A 244 -39.87 -4.09 18.86
N ASP A 245 -40.39 -3.21 19.70
CA ASP A 245 -40.77 -1.83 19.36
C ASP A 245 -39.60 -1.16 18.62
N ALA A 246 -38.44 -1.12 19.27
CA ALA A 246 -37.28 -0.41 18.74
C ALA A 246 -36.76 -1.00 17.42
N LEU A 247 -36.53 -2.31 17.36
CA LEU A 247 -35.99 -2.92 16.16
C LEU A 247 -36.88 -2.70 14.94
N THR A 248 -38.18 -2.63 15.19
CA THR A 248 -39.13 -2.43 14.12
C THR A 248 -38.98 -1.06 13.43
N ASN A 249 -38.28 -0.11 14.07
CA ASN A 249 -38.03 1.19 13.46
C ASN A 249 -37.45 1.07 12.05
N TYR A 250 -36.59 0.07 11.85
CA TYR A 250 -35.95 -0.14 10.58
C TYR A 250 -37.01 -0.47 9.52
N LEU A 251 -37.99 -1.28 9.90
CA LEU A 251 -39.09 -1.62 9.00
C LEU A 251 -39.98 -0.40 8.74
N THR A 252 -40.32 0.32 9.79
CA THR A 252 -41.14 1.52 9.66
C THR A 252 -40.48 2.53 8.72
N GLY A 253 -39.18 2.78 8.94
CA GLY A 253 -38.44 3.71 8.12
C GLY A 253 -38.48 3.32 6.65
N SER A 254 -38.35 2.03 6.37
CA SER A 254 -38.37 1.53 5.02
C SER A 254 -39.71 1.76 4.32
N ARG A 255 -40.74 2.14 5.10
CA ARG A 255 -42.10 2.34 4.59
C ARG A 255 -42.62 3.79 4.66
N LEU A 256 -41.82 4.74 5.11
CA LEU A 256 -42.25 6.14 5.16
C LEU A 256 -41.84 6.91 3.92
N ARG A 257 -42.83 7.52 3.25
CA ARG A 257 -42.56 8.55 2.25
C ARG A 257 -42.25 9.85 2.98
N VAL A 258 -41.17 10.50 2.58
CA VAL A 258 -40.64 11.68 3.25
C VAL A 258 -40.57 12.84 2.26
N ASP A 259 -40.96 14.04 2.68
CA ASP A 259 -40.97 15.22 1.79
C ASP A 259 -39.60 15.92 1.75
N GLU A 260 -39.52 17.04 1.05
CA GLU A 260 -38.27 17.82 0.92
C GLU A 260 -37.71 18.29 2.27
N SER A 261 -38.58 18.63 3.22
CA SER A 261 -38.17 19.14 4.54
C SER A 261 -37.79 18.03 5.55
N GLY A 262 -38.02 16.77 5.19
CA GLY A 262 -37.68 15.64 6.06
C GLY A 262 -38.80 15.17 7.00
N LYS A 263 -40.01 15.66 6.80
CA LYS A 263 -41.16 15.23 7.56
C LYS A 263 -41.80 14.01 6.90
N GLU A 264 -42.27 13.06 7.71
CA GLU A 264 -42.91 11.85 7.21
C GLU A 264 -44.32 12.19 6.75
N VAL A 265 -44.67 11.87 5.51
CA VAL A 265 -46.01 12.24 4.98
C VAL A 265 -46.95 11.05 4.73
N SER A 266 -46.45 9.82 4.75
CA SER A 266 -47.27 8.67 4.39
C SER A 266 -46.60 7.36 4.77
N LEU A 267 -47.40 6.38 5.16
CA LEU A 267 -46.90 5.04 5.43
C LEU A 267 -47.47 4.08 4.41
N VAL A 268 -46.62 3.46 3.61
CA VAL A 268 -47.09 2.51 2.59
C VAL A 268 -47.34 1.13 3.20
N ASP A 269 -48.24 0.38 2.57
CA ASP A 269 -48.64 -0.95 3.06
C ASP A 269 -47.54 -1.97 2.81
N ASP A 270 -46.95 -1.92 1.63
CA ASP A 270 -45.99 -2.92 1.19
C ASP A 270 -44.62 -2.27 1.11
N PHE A 271 -43.66 -2.78 1.88
CA PHE A 271 -42.30 -2.25 1.86
C PHE A 271 -41.68 -2.24 0.45
N ASN A 272 -42.00 -3.24 -0.36
CA ASN A 272 -41.49 -3.31 -1.73
C ASN A 272 -41.75 -2.03 -2.53
N GLU A 273 -42.81 -1.31 -2.20
CA GLU A 273 -43.13 -0.06 -2.88
C GLU A 273 -41.99 0.98 -2.85
N LEU A 274 -41.24 1.03 -1.74
CA LEU A 274 -40.13 2.00 -1.61
C LEU A 274 -38.74 1.42 -1.84
N GLU A 275 -38.65 0.09 -2.00
CA GLU A 275 -37.40 -0.58 -2.40
C GLU A 275 -36.21 -0.38 -1.41
N ARG A 276 -36.52 -0.19 -0.14
CA ARG A 276 -35.49 -0.01 0.89
C ARG A 276 -35.26 -1.26 1.71
N PHE A 277 -36.33 -1.87 2.20
CA PHE A 277 -36.19 -3.05 3.04
C PHE A 277 -35.67 -4.23 2.20
N PRO A 278 -34.77 -5.07 2.73
CA PRO A 278 -34.19 -4.93 4.06
C PRO A 278 -32.93 -4.09 4.02
N ALA A 279 -32.43 -3.74 5.20
CA ALA A 279 -31.24 -2.91 5.30
C ALA A 279 -30.06 -3.61 4.64
N ASP A 280 -29.35 -2.85 3.81
CA ASP A 280 -28.05 -3.29 3.31
C ASP A 280 -26.97 -3.27 4.42
N VAL A 281 -27.05 -2.28 5.30
CA VAL A 281 -26.12 -2.15 6.44
C VAL A 281 -26.85 -1.61 7.68
N HIS A 282 -26.80 -2.38 8.76
CA HIS A 282 -27.17 -1.91 10.08
C HIS A 282 -25.90 -1.55 10.85
N VAL A 283 -25.69 -0.28 11.13
CA VAL A 283 -24.55 0.17 11.97
C VAL A 283 -24.98 0.16 13.43
N ILE A 284 -24.22 -0.55 14.28
CA ILE A 284 -24.50 -0.63 15.72
C ILE A 284 -23.23 -0.65 16.56
N GLY A 285 -23.40 -0.38 17.85
CA GLY A 285 -22.35 -0.63 18.82
C GLY A 285 -22.35 -2.08 19.25
N LYS A 286 -21.20 -2.56 19.71
CA LYS A 286 -21.06 -3.94 20.19
C LYS A 286 -22.03 -4.26 21.33
N ASP A 287 -22.36 -3.25 22.12
CA ASP A 287 -23.34 -3.38 23.21
C ASP A 287 -24.73 -3.93 22.81
N ILE A 288 -25.14 -3.81 21.54
CA ILE A 288 -26.48 -4.27 21.13
C ILE A 288 -26.46 -5.33 20.05
N LEU A 289 -25.38 -6.11 20.01
CA LEU A 289 -25.18 -7.08 18.95
C LEU A 289 -26.23 -8.19 19.00
N LYS A 290 -26.52 -8.71 20.19
CA LYS A 290 -27.45 -9.84 20.32
C LYS A 290 -28.81 -9.49 19.80
N PHE A 291 -29.24 -8.25 20.02
CA PHE A 291 -30.58 -7.84 19.62
C PHE A 291 -30.72 -7.79 18.08
N HIS A 292 -29.64 -7.39 17.40
CA HIS A 292 -29.64 -7.22 15.96
C HIS A 292 -29.25 -8.48 15.18
N ALA A 293 -28.42 -9.33 15.78
CA ALA A 293 -27.90 -10.49 15.08
C ALA A 293 -28.62 -11.78 15.44
N ILE A 294 -29.47 -11.75 16.47
CA ILE A 294 -30.23 -12.90 16.94
C ILE A 294 -31.73 -12.61 16.96
N TYR A 295 -32.18 -11.64 17.76
CA TYR A 295 -33.63 -11.42 17.90
C TYR A 295 -34.24 -10.94 16.59
N TRP A 296 -33.66 -9.88 16.05
CA TRP A 296 -34.16 -9.21 14.85
C TRP A 296 -34.36 -10.19 13.71
N PRO A 297 -33.32 -10.97 13.36
CA PRO A 297 -33.54 -11.88 12.23
C PRO A 297 -34.58 -12.97 12.52
N ALA A 298 -34.64 -13.43 13.76
CA ALA A 298 -35.65 -14.42 14.16
C ALA A 298 -37.07 -13.87 13.95
N PHE A 299 -37.31 -12.61 14.32
CA PHE A 299 -38.61 -11.96 14.11
C PHE A 299 -38.95 -11.90 12.63
N LEU A 300 -37.95 -11.56 11.83
CA LEU A 300 -38.11 -11.42 10.39
C LEU A 300 -38.38 -12.79 9.76
N LEU A 301 -37.66 -13.80 10.24
CA LEU A 301 -37.88 -15.17 9.80
C LEU A 301 -39.30 -15.62 10.15
N SER A 302 -39.77 -15.27 11.35
CA SER A 302 -41.14 -15.62 11.76
C SER A 302 -42.17 -14.96 10.86
N ALA A 303 -41.96 -13.68 10.60
CA ALA A 303 -42.88 -12.88 9.77
C ALA A 303 -42.77 -13.14 8.25
N GLY A 304 -41.76 -13.91 7.83
CA GLY A 304 -41.52 -14.12 6.41
C GLY A 304 -41.04 -12.86 5.71
N LEU A 305 -40.19 -12.09 6.39
CA LEU A 305 -39.64 -10.85 5.84
C LEU A 305 -38.17 -11.07 5.50
N PRO A 306 -37.66 -10.35 4.50
CA PRO A 306 -36.25 -10.56 4.14
C PRO A 306 -35.27 -10.07 5.23
N LEU A 307 -34.14 -10.74 5.34
CA LEU A 307 -33.15 -10.41 6.35
C LEU A 307 -32.19 -9.34 5.86
N PRO A 308 -31.56 -8.60 6.80
CA PRO A 308 -30.57 -7.61 6.39
C PRO A 308 -29.32 -8.26 5.80
N LYS A 309 -28.63 -7.53 4.94
CA LYS A 309 -27.39 -8.04 4.32
C LYS A 309 -26.21 -8.05 5.29
N LYS A 310 -26.04 -6.96 6.04
CA LYS A 310 -24.86 -6.79 6.90
C LYS A 310 -25.21 -6.05 8.16
N ILE A 311 -24.70 -6.55 9.28
CA ILE A 311 -24.70 -5.84 10.54
C ILE A 311 -23.24 -5.54 10.84
N VAL A 312 -22.91 -4.27 11.03
CA VAL A 312 -21.54 -3.91 11.42
C VAL A 312 -21.56 -3.35 12.85
N ALA A 313 -20.74 -3.96 13.71
CA ALA A 313 -20.73 -3.62 15.14
C ALA A 313 -19.38 -3.05 15.51
N HIS A 314 -19.36 -1.77 15.87
CA HIS A 314 -18.12 -1.08 16.19
C HIS A 314 -17.76 -1.24 17.65
N GLY A 315 -16.58 -0.71 17.99
CA GLY A 315 -15.92 -1.09 19.20
C GLY A 315 -16.34 -0.32 20.41
N TRP A 316 -17.06 0.78 20.24
CA TRP A 316 -17.41 1.60 21.40
C TRP A 316 -18.63 0.99 22.07
N TRP A 317 -18.68 1.08 23.39
CA TRP A 317 -19.88 0.73 24.13
C TRP A 317 -20.72 2.00 24.17
N THR A 318 -21.68 2.11 23.27
CA THR A 318 -22.59 3.26 23.22
C THR A 318 -23.58 3.14 24.38
N LYS A 319 -24.23 4.24 24.74
CA LYS A 319 -25.21 4.28 25.84
C LYS A 319 -24.50 4.13 27.19
N SER A 327 -19.26 13.85 35.34
CA SER A 327 -19.09 13.76 36.80
C SER A 327 -17.78 13.09 37.21
N LEU A 328 -17.36 12.06 36.47
CA LEU A 328 -16.11 11.35 36.76
C LEU A 328 -14.85 12.10 36.27
N GLY A 329 -15.03 13.21 35.57
CA GLY A 329 -13.91 14.05 35.14
C GLY A 329 -13.23 13.58 33.86
N ASN A 330 -14.02 13.15 32.89
CA ASN A 330 -13.49 12.84 31.56
C ASN A 330 -14.55 13.15 30.50
N VAL A 331 -14.61 14.42 30.12
CA VAL A 331 -15.63 14.91 29.18
C VAL A 331 -15.11 15.02 27.75
N PHE A 332 -15.87 14.45 26.82
CA PHE A 332 -15.58 14.54 25.40
C PHE A 332 -16.83 15.04 24.66
N ASP A 333 -16.87 16.34 24.38
CA ASP A 333 -17.98 16.95 23.65
C ASP A 333 -17.58 17.10 22.18
N PRO A 334 -18.25 16.35 21.28
CA PRO A 334 -17.86 16.39 19.87
C PRO A 334 -18.08 17.75 19.19
N VAL A 335 -19.13 18.48 19.56
CA VAL A 335 -19.35 19.80 18.98
C VAL A 335 -18.25 20.76 19.42
N GLU A 336 -17.88 20.70 20.71
CA GLU A 336 -16.83 21.55 21.25
C GLU A 336 -15.51 21.29 20.54
N LYS A 337 -15.14 20.01 20.40
CA LYS A 337 -13.88 19.64 19.71
C LYS A 337 -13.89 19.99 18.22
N ALA A 338 -15.05 19.93 17.58
CA ALA A 338 -15.19 20.28 16.16
C ALA A 338 -15.08 21.77 15.93
N GLU A 339 -15.63 22.57 16.86
CA GLU A 339 -15.45 24.02 16.83
C GLU A 339 -13.97 24.39 17.00
N GLU A 340 -13.24 23.60 17.78
CA GLU A 340 -11.82 23.83 18.04
C GLU A 340 -10.93 23.41 16.87
N PHE A 341 -11.15 22.20 16.35
CA PHE A 341 -10.24 21.61 15.37
C PHE A 341 -10.79 21.52 13.94
N GLY A 342 -12.10 21.72 13.78
CA GLY A 342 -12.76 21.57 12.49
C GLY A 342 -13.68 20.35 12.46
N TYR A 343 -14.81 20.48 11.78
CA TYR A 343 -15.79 19.39 11.72
C TYR A 343 -15.28 18.20 10.89
N ASP A 344 -14.82 18.45 9.68
CA ASP A 344 -14.26 17.38 8.85
C ASP A 344 -13.07 16.71 9.51
N ALA A 345 -12.23 17.50 10.18
CA ALA A 345 -11.03 16.97 10.83
C ALA A 345 -11.36 16.03 11.97
N LEU A 346 -12.37 16.38 12.75
CA LEU A 346 -12.80 15.53 13.85
C LEU A 346 -13.38 14.22 13.31
N LYS A 347 -14.21 14.33 12.29
CA LYS A 347 -14.77 13.17 11.61
C LYS A 347 -13.66 12.27 11.06
N TYR A 348 -12.69 12.86 10.39
CA TYR A 348 -11.52 12.12 9.92
C TYR A 348 -10.86 11.39 11.07
N PHE A 349 -10.64 12.10 12.17
CA PHE A 349 -9.92 11.52 13.31
C PHE A 349 -10.67 10.34 13.90
N LEU A 350 -11.96 10.49 14.14
CA LEU A 350 -12.76 9.42 14.72
C LEU A 350 -12.77 8.15 13.85
N LEU A 351 -12.83 8.34 12.53
CA LEU A 351 -12.88 7.23 11.60
C LEU A 351 -11.50 6.64 11.32
N ARG A 352 -10.44 7.46 11.44
CA ARG A 352 -9.08 7.00 11.18
C ARG A 352 -8.44 6.37 12.42
N GLU A 353 -8.70 6.94 13.59
CA GLU A 353 -7.98 6.54 14.79
C GLU A 353 -8.29 5.11 15.18
N SER A 354 -9.55 4.69 14.98
CA SER A 354 -10.02 3.40 15.46
C SER A 354 -10.70 2.55 14.40
N GLY A 355 -10.42 1.26 14.46
CA GLY A 355 -11.19 0.26 13.74
C GLY A 355 -12.15 -0.32 14.76
N PHE A 356 -12.33 -1.63 14.68
CA PHE A 356 -13.26 -2.35 15.51
C PHE A 356 -12.58 -2.76 16.82
N SER A 357 -12.11 -1.74 17.52
CA SER A 357 -11.50 -1.83 18.83
C SER A 357 -11.98 -0.62 19.64
N ASP A 358 -11.70 -0.63 20.94
CA ASP A 358 -11.79 0.58 21.75
C ASP A 358 -10.44 1.27 21.72
N ASP A 359 -9.40 0.46 21.51
CA ASP A 359 -7.99 0.75 21.87
C ASP A 359 -7.34 2.03 21.31
N GLY A 360 -8.03 2.77 20.44
CA GLY A 360 -7.53 4.05 19.94
C GLY A 360 -7.32 5.13 21.00
N ASP A 361 -6.44 6.08 20.70
CA ASP A 361 -6.07 7.17 21.60
C ASP A 361 -6.75 8.45 21.10
N TYR A 362 -7.66 9.01 21.91
CA TYR A 362 -8.48 10.17 21.52
C TYR A 362 -8.07 11.49 22.18
N SER A 363 -6.81 11.59 22.55
CA SER A 363 -6.31 12.80 23.19
C SER A 363 -6.20 13.97 22.21
N ASP A 364 -6.14 15.18 22.75
CA ASP A 364 -5.82 16.37 21.97
C ASP A 364 -4.47 16.22 21.27
N LYS A 365 -3.52 15.58 21.96
CA LYS A 365 -2.19 15.32 21.39
C LYS A 365 -2.32 14.57 20.06
N ASN A 366 -2.97 13.41 20.09
CA ASN A 366 -3.05 12.59 18.89
C ASN A 366 -3.97 13.20 17.81
N MET A 367 -5.01 13.91 18.24
CA MET A 367 -5.87 14.66 17.32
CA MET A 367 -5.87 14.66 17.32
C MET A 367 -5.03 15.65 16.51
N ILE A 368 -4.22 16.43 17.21
CA ILE A 368 -3.33 17.41 16.60
C ILE A 368 -2.29 16.74 15.69
N ALA A 369 -1.73 15.62 16.16
CA ALA A 369 -0.74 14.88 15.37
C ALA A 369 -1.30 14.40 14.03
N ARG A 370 -2.54 13.95 14.00
CA ARG A 370 -3.18 13.53 12.75
C ARG A 370 -3.57 14.71 11.88
N LEU A 371 -4.11 15.76 12.49
CA LEU A 371 -4.44 16.98 11.77
C LEU A 371 -3.21 17.53 11.05
N ASN A 372 -2.12 17.69 11.80
CA ASN A 372 -0.90 18.27 11.27
C ASN A 372 -0.21 17.39 10.24
N GLY A 373 -0.06 16.11 10.58
CA GLY A 373 0.72 15.18 9.77
C GLY A 373 -0.02 14.64 8.56
N GLU A 374 -1.28 14.27 8.73
CA GLU A 374 -2.06 13.66 7.65
C GLU A 374 -2.84 14.71 6.86
N LEU A 375 -3.70 15.46 7.53
CA LEU A 375 -4.55 16.44 6.86
C LEU A 375 -3.81 17.67 6.31
N ALA A 376 -2.91 18.25 7.12
CA ALA A 376 -2.17 19.44 6.69
C ALA A 376 -0.94 19.08 5.84
N ASP A 377 -0.03 18.27 6.39
CA ASP A 377 1.25 17.97 5.74
C ASP A 377 1.15 17.04 4.53
N THR A 378 0.25 16.05 4.56
CA THR A 378 0.15 15.10 3.47
C THR A 378 -0.85 15.60 2.45
N LEU A 379 -2.08 15.85 2.87
CA LEU A 379 -3.15 16.20 1.93
C LEU A 379 -3.10 17.67 1.54
N GLY A 380 -3.18 18.56 2.52
CA GLY A 380 -3.25 19.99 2.27
C GLY A 380 -2.05 20.54 1.54
N ASN A 381 -0.86 20.17 1.99
CA ASN A 381 0.40 20.56 1.36
C ASN A 381 0.41 20.25 -0.12
N LEU A 382 -0.07 19.05 -0.45
CA LEU A 382 -0.10 18.57 -1.81
C LEU A 382 -1.10 19.37 -2.67
N VAL A 383 -2.24 19.72 -2.07
CA VAL A 383 -3.22 20.56 -2.76
C VAL A 383 -2.64 21.94 -3.09
N MET A 384 -1.93 22.55 -2.15
CA MET A 384 -1.38 23.88 -2.37
C MET A 384 -0.28 23.84 -3.44
N ARG A 385 0.63 22.89 -3.33
CA ARG A 385 1.71 22.71 -4.31
C ARG A 385 1.18 22.66 -5.74
N CYS A 386 0.20 21.81 -6.03
CA CYS A 386 -0.24 21.61 -7.40
C CYS A 386 -1.15 22.73 -7.93
N THR A 387 -1.67 23.57 -7.04
CA THR A 387 -2.46 24.75 -7.44
C THR A 387 -1.68 26.06 -7.32
N SER A 388 -0.51 26.02 -6.72
CA SER A 388 0.35 27.21 -6.53
C SER A 388 0.67 27.93 -7.84
N ALA A 389 0.69 29.26 -7.77
CA ALA A 389 1.07 30.09 -8.92
C ALA A 389 2.54 29.95 -9.32
N LYS A 390 3.39 29.69 -8.32
CA LYS A 390 4.82 29.45 -8.56
C LYS A 390 5.06 28.22 -9.45
N ILE A 391 4.23 27.19 -9.27
CA ILE A 391 4.42 25.91 -9.97
C ILE A 391 3.46 25.76 -11.15
N ASN A 392 2.16 25.95 -10.87
CA ASN A 392 1.12 25.95 -11.89
C ASN A 392 0.97 27.37 -12.42
N VAL A 393 1.87 27.76 -13.32
CA VAL A 393 1.96 29.17 -13.72
C VAL A 393 0.77 29.61 -14.58
N ASN A 394 0.17 28.67 -15.31
CA ASN A 394 -0.99 28.99 -16.15
C ASN A 394 -2.33 28.82 -15.45
N GLY A 395 -2.34 28.32 -14.21
CA GLY A 395 -3.58 28.11 -13.46
C GLY A 395 -4.56 27.20 -14.19
N GLU A 396 -4.07 26.05 -14.63
CA GLU A 396 -4.90 25.09 -15.36
C GLU A 396 -4.37 23.67 -15.26
N TRP A 397 -5.18 22.72 -15.75
CA TRP A 397 -4.74 21.35 -15.90
C TRP A 397 -3.94 21.27 -17.19
N PRO A 398 -2.63 20.97 -17.11
CA PRO A 398 -1.84 20.88 -18.32
C PRO A 398 -2.08 19.57 -19.05
N SER A 399 -1.68 19.56 -20.31
CA SER A 399 -1.70 18.38 -21.14
C SER A 399 -0.39 17.60 -20.93
N PRO A 400 -0.45 16.33 -20.53
CA PRO A 400 0.80 15.64 -20.24
C PRO A 400 1.59 15.27 -21.49
N ALA A 401 2.91 15.29 -21.38
CA ALA A 401 3.78 14.73 -22.41
C ALA A 401 3.93 13.21 -22.16
N ALA A 402 4.95 12.58 -22.72
CA ALA A 402 5.12 11.13 -22.58
C ALA A 402 5.47 10.73 -21.14
N TYR A 403 4.99 9.56 -20.75
CA TYR A 403 5.17 9.08 -19.38
C TYR A 403 6.46 8.24 -19.22
N THR A 404 7.19 8.48 -18.14
CA THR A 404 8.32 7.64 -17.73
C THR A 404 7.81 6.45 -16.93
N GLU A 405 8.69 5.49 -16.63
CA GLU A 405 8.31 4.36 -15.78
C GLU A 405 7.89 4.78 -14.41
N GLU A 406 8.59 5.78 -13.86
CA GLU A 406 8.24 6.32 -12.55
C GLU A 406 6.86 6.99 -12.57
N ASP A 407 6.56 7.75 -13.63
CA ASP A 407 5.22 8.30 -13.83
C ASP A 407 4.17 7.19 -13.83
N GLU A 408 4.45 6.11 -14.55
CA GLU A 408 3.51 5.02 -14.71
C GLU A 408 3.28 4.25 -13.41
N SER A 409 4.31 4.15 -12.57
CA SER A 409 4.14 3.48 -11.28
C SER A 409 3.15 4.25 -10.41
N LEU A 410 3.21 5.59 -10.46
CA LEU A 410 2.28 6.40 -9.67
C LEU A 410 0.87 6.33 -10.25
N ILE A 411 0.78 6.45 -11.58
CA ILE A 411 -0.49 6.36 -12.28
C ILE A 411 -1.20 5.03 -11.98
N GLN A 412 -0.43 3.95 -11.91
CA GLN A 412 -1.00 2.66 -11.60
C GLN A 412 -1.63 2.65 -10.21
N LEU A 413 -0.95 3.27 -9.25
CA LEU A 413 -1.48 3.35 -7.88
C LEU A 413 -2.79 4.12 -7.86
N ILE A 414 -2.88 5.19 -8.64
CA ILE A 414 -4.06 6.02 -8.70
C ILE A 414 -5.21 5.26 -9.34
N LYS A 415 -4.92 4.50 -10.40
CA LYS A 415 -5.94 3.69 -11.08
C LYS A 415 -6.46 2.53 -10.24
N ASP A 416 -5.60 1.92 -9.45
CA ASP A 416 -6.00 0.80 -8.60
C ASP A 416 -6.78 1.26 -7.36
N LEU A 417 -6.61 2.51 -6.96
CA LEU A 417 -7.17 3.00 -5.70
C LEU A 417 -8.69 2.89 -5.59
N PRO A 418 -9.44 3.32 -6.63
CA PRO A 418 -10.91 3.22 -6.47
C PRO A 418 -11.44 1.81 -6.19
N GLY A 419 -10.90 0.80 -6.85
CA GLY A 419 -11.34 -0.59 -6.64
C GLY A 419 -10.99 -1.07 -5.24
N THR A 420 -9.82 -0.65 -4.74
CA THR A 420 -9.38 -1.06 -3.43
C THR A 420 -10.24 -0.38 -2.35
N ALA A 421 -10.41 0.92 -2.48
CA ALA A 421 -11.19 1.69 -1.54
C ALA A 421 -12.64 1.25 -1.55
N ASP A 422 -13.16 0.95 -2.75
CA ASP A 422 -14.50 0.41 -2.88
C ASP A 422 -14.73 -0.83 -2.03
N HIS A 423 -13.84 -1.80 -2.13
CA HIS A 423 -13.98 -3.02 -1.36
C HIS A 423 -14.00 -2.73 0.13
N TYR A 424 -13.12 -1.84 0.58
CA TYR A 424 -13.06 -1.50 1.99
C TYR A 424 -14.37 -0.84 2.44
N TYR A 425 -14.87 0.10 1.65
CA TYR A 425 -16.13 0.77 2.00
C TYR A 425 -17.30 -0.22 2.08
N LEU A 426 -17.27 -1.27 1.28
CA LEU A 426 -18.35 -2.24 1.24
C LEU A 426 -18.32 -3.28 2.34
N ILE A 427 -17.18 -3.41 3.03
CA ILE A 427 -17.05 -4.44 4.07
C ILE A 427 -18.12 -4.33 5.19
N PRO A 428 -18.32 -3.17 5.81
CA PRO A 428 -17.57 -1.94 5.62
C PRO A 428 -16.42 -1.79 6.62
N ASP A 429 -15.34 -1.16 6.18
CA ASP A 429 -14.19 -0.91 7.03
C ASP A 429 -13.60 0.41 6.59
N ILE A 430 -14.11 1.47 7.21
CA ILE A 430 -13.79 2.83 6.80
C ILE A 430 -12.35 3.20 7.13
N GLN A 431 -11.83 2.69 8.25
CA GLN A 431 -10.43 2.93 8.60
C GLN A 431 -9.50 2.47 7.48
N LYS A 432 -9.74 1.28 6.94
CA LYS A 432 -8.88 0.76 5.87
C LYS A 432 -9.03 1.53 4.57
N ALA A 433 -10.22 2.06 4.31
CA ALA A 433 -10.44 2.89 3.14
C ALA A 433 -9.60 4.16 3.22
N ILE A 434 -9.59 4.78 4.40
CA ILE A 434 -8.86 6.01 4.59
C ILE A 434 -7.37 5.72 4.42
N ILE A 435 -6.89 4.68 5.09
CA ILE A 435 -5.49 4.30 5.01
C ILE A 435 -5.07 4.05 3.57
N ALA A 436 -5.89 3.37 2.79
CA ALA A 436 -5.56 3.11 1.39
C ALA A 436 -5.40 4.41 0.60
N VAL A 437 -6.28 5.38 0.83
CA VAL A 437 -6.20 6.64 0.11
C VAL A 437 -4.92 7.39 0.51
N PHE A 438 -4.66 7.45 1.81
CA PHE A 438 -3.48 8.16 2.29
C PHE A 438 -2.16 7.49 1.89
N ASP A 439 -2.17 6.18 1.66
CA ASP A 439 -1.00 5.51 1.10
C ASP A 439 -0.70 6.06 -0.28
N VAL A 440 -1.75 6.32 -1.06
CA VAL A 440 -1.58 6.91 -2.37
C VAL A 440 -1.16 8.38 -2.27
N LEU A 441 -1.69 9.10 -1.30
CA LEU A 441 -1.30 10.49 -1.10
C LEU A 441 0.19 10.60 -0.73
N ARG A 442 0.66 9.71 0.14
CA ARG A 442 2.07 9.67 0.51
C ARG A 442 2.95 9.42 -0.72
N ALA A 443 2.53 8.47 -1.56
CA ALA A 443 3.26 8.18 -2.80
C ALA A 443 3.32 9.38 -3.76
N ILE A 444 2.22 10.13 -3.88
CA ILE A 444 2.19 11.30 -4.73
C ILE A 444 3.17 12.34 -4.19
N ASN A 445 3.15 12.56 -2.88
CA ASN A 445 4.10 13.48 -2.24
C ASN A 445 5.54 13.10 -2.51
N ALA A 446 5.85 11.82 -2.39
CA ALA A 446 7.20 11.31 -2.67
C ALA A 446 7.60 11.58 -4.11
N TYR A 447 6.68 11.28 -5.02
CA TYR A 447 6.86 11.60 -6.43
C TYR A 447 7.14 13.08 -6.66
N VAL A 448 6.37 13.95 -6.04
CA VAL A 448 6.55 15.40 -6.21
C VAL A 448 7.94 15.81 -5.72
N THR A 449 8.33 15.29 -4.56
CA THR A 449 9.66 15.54 -4.00
C THR A 449 10.76 15.05 -4.94
N ASP A 450 10.58 13.87 -5.52
CA ASP A 450 11.56 13.34 -6.49
C ASP A 450 11.65 14.20 -7.75
N MET A 451 10.50 14.66 -8.25
CA MET A 451 10.47 15.42 -9.50
C MET A 451 10.79 16.90 -9.31
N ALA A 452 10.69 17.40 -8.09
CA ALA A 452 10.98 18.81 -7.78
C ALA A 452 10.41 19.79 -8.83
N PRO A 453 9.07 19.82 -8.99
CA PRO A 453 8.43 20.64 -10.02
C PRO A 453 8.76 22.13 -9.95
N TRP A 454 9.10 22.60 -8.75
CA TRP A 454 9.53 24.00 -8.57
C TRP A 454 10.80 24.33 -9.36
N LYS A 455 11.68 23.36 -9.55
CA LYS A 455 12.86 23.53 -10.40
C LYS A 455 12.54 23.39 -11.89
N LEU A 456 11.57 22.55 -12.23
CA LEU A 456 11.21 22.30 -13.62
C LEU A 456 10.61 23.52 -14.32
N VAL A 457 9.95 24.39 -13.55
CA VAL A 457 9.34 25.61 -14.09
C VAL A 457 10.33 26.38 -14.97
N LYS A 458 11.59 26.48 -14.53
CA LYS A 458 12.64 27.14 -15.29
C LYS A 458 13.36 26.18 -16.25
N THR A 459 13.61 24.95 -15.79
CA THR A 459 14.45 24.00 -16.52
C THR A 459 13.77 23.29 -17.68
N ASP A 460 12.63 22.66 -17.41
CA ASP A 460 12.01 21.75 -18.36
C ASP A 460 10.47 21.86 -18.31
N PRO A 461 9.90 22.88 -18.97
CA PRO A 461 8.45 23.07 -18.95
C PRO A 461 7.64 21.89 -19.52
N GLU A 462 8.16 21.25 -20.57
CA GLU A 462 7.51 20.06 -21.13
C GLU A 462 7.37 19.00 -20.03
N ARG A 463 8.47 18.71 -19.34
CA ARG A 463 8.45 17.72 -18.27
C ARG A 463 7.49 18.11 -17.12
N LEU A 464 7.44 19.40 -16.79
CA LEU A 464 6.54 19.88 -15.75
C LEU A 464 5.06 19.61 -16.09
N ARG A 465 4.69 19.75 -17.35
CA ARG A 465 3.30 19.47 -17.76
C ARG A 465 2.88 18.08 -17.29
N THR A 466 3.74 17.09 -17.54
CA THR A 466 3.48 15.71 -17.21
C THR A 466 3.34 15.51 -15.70
N VAL A 467 4.31 16.04 -14.97
CA VAL A 467 4.37 15.89 -13.52
C VAL A 467 3.19 16.58 -12.85
N LEU A 468 2.86 17.76 -13.34
CA LEU A 468 1.78 18.55 -12.78
C LEU A 468 0.43 17.88 -13.03
N TYR A 469 0.22 17.39 -14.25
CA TYR A 469 -1.02 16.70 -14.60
C TYR A 469 -1.29 15.50 -13.70
N ILE A 470 -0.30 14.63 -13.59
CA ILE A 470 -0.40 13.43 -12.76
C ILE A 470 -0.71 13.77 -11.30
N THR A 471 -0.03 14.78 -10.79
CA THR A 471 -0.24 15.23 -9.42
C THR A 471 -1.68 15.70 -9.22
N LEU A 472 -2.17 16.55 -10.13
CA LEU A 472 -3.55 17.06 -10.06
C LEU A 472 -4.55 15.93 -10.11
N GLU A 473 -4.34 15.00 -11.02
CA GLU A 473 -5.27 13.88 -11.17
C GLU A 473 -5.25 12.99 -9.94
N GLY A 474 -4.08 12.81 -9.32
CA GLY A 474 -3.97 12.02 -8.10
C GLY A 474 -4.68 12.69 -6.93
N VAL A 475 -4.55 14.01 -6.85
CA VAL A 475 -5.25 14.76 -5.81
C VAL A 475 -6.77 14.66 -6.00
N ARG A 476 -7.24 14.74 -7.25
CA ARG A 476 -8.67 14.65 -7.55
C ARG A 476 -9.26 13.30 -7.14
N VAL A 477 -8.61 12.23 -7.57
CA VAL A 477 -9.11 10.89 -7.34
C VAL A 477 -9.10 10.55 -5.85
N THR A 478 -8.01 10.88 -5.16
CA THR A 478 -7.94 10.64 -3.72
C THR A 478 -9.04 11.44 -3.00
N THR A 479 -9.23 12.69 -3.42
CA THR A 479 -10.21 13.58 -2.80
C THR A 479 -11.64 13.08 -3.04
N LEU A 480 -11.91 12.62 -4.27
CA LEU A 480 -13.20 12.02 -4.56
C LEU A 480 -13.53 10.88 -3.57
N LEU A 481 -12.59 9.97 -3.39
CA LEU A 481 -12.76 8.85 -2.49
C LEU A 481 -12.76 9.22 -1.01
N LEU A 482 -12.15 10.37 -0.66
CA LEU A 482 -12.26 10.91 0.70
C LEU A 482 -13.46 11.82 0.93
N SER A 483 -14.23 12.15 -0.11
CA SER A 483 -15.35 13.08 0.05
C SER A 483 -16.46 12.64 1.04
N PRO A 484 -16.71 11.32 1.19
CA PRO A 484 -17.60 10.90 2.29
C PRO A 484 -17.05 11.19 3.70
N ILE A 485 -15.73 11.21 3.83
CA ILE A 485 -15.06 11.48 5.10
C ILE A 485 -14.93 12.98 5.35
N LEU A 486 -14.59 13.73 4.30
CA LEU A 486 -14.36 15.16 4.38
C LEU A 486 -15.34 15.86 3.42
N PRO A 487 -16.63 15.87 3.77
CA PRO A 487 -17.62 16.38 2.82
C PRO A 487 -17.45 17.85 2.41
N ARG A 488 -17.11 18.70 3.37
CA ARG A 488 -16.95 20.14 3.10
C ARG A 488 -15.59 20.46 2.51
N LYS A 489 -14.53 19.92 3.07
CA LYS A 489 -13.17 20.17 2.57
C LYS A 489 -12.98 19.60 1.18
N SER A 490 -13.62 18.48 0.86
CA SER A 490 -13.53 17.93 -0.49
C SER A 490 -14.08 18.91 -1.51
N VAL A 491 -15.14 19.64 -1.13
CA VAL A 491 -15.72 20.67 -2.00
C VAL A 491 -14.74 21.82 -2.20
N VAL A 492 -14.09 22.24 -1.11
CA VAL A 492 -13.09 23.29 -1.21
C VAL A 492 -11.98 22.84 -2.15
N ILE A 493 -11.53 21.59 -2.00
CA ILE A 493 -10.42 21.09 -2.80
C ILE A 493 -10.79 21.08 -4.28
N PHE A 494 -11.99 20.60 -4.59
CA PHE A 494 -12.44 20.56 -5.97
C PHE A 494 -12.58 21.97 -6.56
N ASP A 495 -13.07 22.93 -5.78
CA ASP A 495 -13.14 24.32 -6.24
C ASP A 495 -11.75 24.84 -6.61
N MET A 496 -10.75 24.59 -5.76
CA MET A 496 -9.37 25.00 -6.04
C MET A 496 -8.86 24.36 -7.34
N LEU A 497 -9.13 23.07 -7.51
CA LEU A 497 -8.71 22.35 -8.70
C LEU A 497 -9.51 22.71 -9.95
N GLY A 498 -10.64 23.39 -9.78
CA GLY A 498 -11.52 23.75 -10.88
C GLY A 498 -12.27 22.57 -11.47
N VAL A 499 -12.54 21.54 -10.66
CA VAL A 499 -13.24 20.35 -11.11
C VAL A 499 -14.73 20.68 -11.29
N PRO A 500 -15.25 20.56 -12.52
CA PRO A 500 -16.68 20.78 -12.71
C PRO A 500 -17.53 19.86 -11.82
N GLU A 501 -18.70 20.36 -11.42
CA GLU A 501 -19.64 19.62 -10.58
C GLU A 501 -19.92 18.21 -11.07
N VAL A 502 -20.15 18.07 -12.37
CA VAL A 502 -20.48 16.77 -12.93
C VAL A 502 -19.42 15.72 -12.59
N HIS A 503 -18.17 16.16 -12.46
CA HIS A 503 -17.05 15.24 -12.20
C HIS A 503 -16.80 14.96 -10.71
N ARG A 504 -17.63 15.52 -9.83
CA ARG A 504 -17.48 15.33 -8.39
C ARG A 504 -18.22 14.11 -7.83
N LYS A 505 -18.93 13.37 -8.67
CA LYS A 505 -19.59 12.11 -8.28
C LYS A 505 -19.74 11.20 -9.48
N GLY A 506 -20.09 9.95 -9.22
CA GLY A 506 -20.31 8.97 -10.26
C GLY A 506 -19.12 8.08 -10.46
N ILE A 507 -19.36 6.79 -10.65
CA ILE A 507 -18.29 5.82 -10.83
C ILE A 507 -17.45 6.13 -12.07
N GLU A 508 -18.05 6.80 -13.06
CA GLU A 508 -17.29 7.20 -14.26
C GLU A 508 -16.12 8.07 -13.89
N ASN A 509 -16.28 8.84 -12.82
CA ASN A 509 -15.23 9.75 -12.42
C ASN A 509 -14.19 9.18 -11.44
N PHE A 510 -14.30 7.89 -11.13
CA PHE A 510 -13.24 7.16 -10.45
C PHE A 510 -12.07 6.90 -11.42
N GLU A 511 -12.35 6.90 -12.72
CA GLU A 511 -11.33 6.61 -13.74
C GLU A 511 -10.29 7.70 -13.89
N PHE A 512 -9.04 7.27 -14.03
CA PHE A 512 -7.94 8.18 -14.27
C PHE A 512 -8.18 8.94 -15.57
N GLY A 513 -8.03 10.26 -15.54
CA GLY A 513 -8.14 11.10 -16.73
C GLY A 513 -9.51 11.69 -17.05
N ALA A 514 -10.40 11.72 -16.05
CA ALA A 514 -11.79 12.16 -16.27
C ALA A 514 -11.92 13.67 -16.43
N VAL A 515 -10.92 14.43 -16.01
CA VAL A 515 -10.96 15.88 -16.15
C VAL A 515 -9.95 16.28 -17.22
N PRO A 516 -10.43 16.91 -18.30
CA PRO A 516 -9.55 17.16 -19.44
C PRO A 516 -8.51 18.25 -19.20
N PRO A 517 -7.33 18.12 -19.83
CA PRO A 517 -6.39 19.25 -19.89
C PRO A 517 -7.07 20.51 -20.46
N GLY A 518 -6.67 21.68 -19.96
CA GLY A 518 -7.31 22.93 -20.32
C GLY A 518 -8.31 23.42 -19.27
N THR A 519 -8.83 22.51 -18.48
CA THR A 519 -9.67 22.88 -17.33
C THR A 519 -8.95 23.93 -16.47
N ARG A 520 -9.63 25.04 -16.24
CA ARG A 520 -9.06 26.16 -15.51
C ARG A 520 -9.21 25.90 -14.02
N LEU A 521 -8.21 26.27 -13.24
CA LEU A 521 -8.29 26.19 -11.78
C LEU A 521 -9.26 27.21 -11.24
N GLY A 522 -9.64 27.06 -9.98
CA GLY A 522 -10.51 28.03 -9.32
C GLY A 522 -9.70 29.21 -8.85
N PRO A 523 -10.36 30.33 -8.51
CA PRO A 523 -9.65 31.50 -8.02
C PRO A 523 -8.96 31.24 -6.68
N ALA A 524 -7.94 32.05 -6.40
CA ALA A 524 -7.17 31.94 -5.16
C ALA A 524 -7.57 33.05 -4.21
N VAL A 525 -7.12 32.93 -2.95
CA VAL A 525 -7.36 33.94 -1.90
C VAL A 525 -6.03 34.27 -1.22
N GLU A 526 -5.90 35.51 -0.73
CA GLU A 526 -4.64 36.02 -0.13
C GLU A 526 -3.88 34.98 0.69
N GLY A 527 -4.47 34.55 1.81
CA GLY A 527 -3.82 33.58 2.71
C GLY A 527 -4.75 32.44 3.10
N GLU A 528 -5.39 31.83 2.11
CA GLU A 528 -6.28 30.70 2.35
C GLU A 528 -5.50 29.44 2.71
N VAL A 529 -5.95 28.74 3.74
CA VAL A 529 -5.39 27.44 4.12
C VAL A 529 -6.53 26.44 4.25
N LEU A 530 -6.24 25.20 3.83
CA LEU A 530 -7.19 24.10 3.91
C LEU A 530 -7.31 23.61 5.34
N PHE A 531 -6.17 23.21 5.90
CA PHE A 531 -6.08 22.74 7.27
C PHE A 531 -4.95 23.50 7.96
N SER A 532 -5.28 24.35 8.92
CA SER A 532 -4.27 25.09 9.67
C SER A 532 -3.68 24.21 10.77
N LYS A 533 -2.35 24.09 10.75
CA LYS A 533 -1.65 23.30 11.77
C LYS A 533 -1.78 23.98 13.12
N ARG A 534 -1.72 23.20 14.19
CA ARG A 534 -1.95 23.73 15.53
C ARG A 534 -0.82 23.38 16.50
N SER A 535 -0.69 24.22 17.52
CA SER A 535 0.43 24.17 18.47
C SER A 535 0.62 22.81 19.12
N THR A 536 1.89 22.39 19.22
CA THR A 536 2.23 21.07 19.76
C THR A 536 1.99 21.04 21.28
N GLY B 1 -4.06 -3.53 -12.09
CA GLY B 1 -4.01 -3.53 -13.58
C GLY B 1 -2.87 -4.40 -14.06
N PRO B 2 -2.80 -4.65 -15.38
CA PRO B 2 -1.70 -5.42 -15.92
C PRO B 2 -0.40 -4.62 -15.84
N GLY B 3 0.72 -5.31 -15.65
CA GLY B 3 2.02 -4.67 -15.78
C GLY B 3 2.39 -4.46 -17.25
N SER B 4 3.64 -4.09 -17.52
CA SER B 4 4.08 -3.94 -18.89
C SER B 4 4.25 -5.32 -19.51
N MET B 5 4.05 -5.43 -20.81
CA MET B 5 4.25 -6.70 -21.51
C MET B 5 5.75 -7.00 -21.60
N LYS B 6 6.07 -8.19 -22.08
CA LYS B 6 7.45 -8.59 -22.27
C LYS B 6 8.10 -7.78 -23.40
N VAL B 7 9.38 -7.45 -23.25
CA VAL B 7 10.17 -6.92 -24.36
C VAL B 7 10.38 -8.06 -25.36
N GLU B 8 10.51 -7.71 -26.64
CA GLU B 8 10.76 -8.69 -27.71
C GLU B 8 12.25 -9.06 -27.82
N LYS B 9 13.12 -8.07 -27.62
CA LYS B 9 14.57 -8.29 -27.65
C LYS B 9 15.06 -9.05 -26.43
N VAL B 10 16.35 -9.38 -26.40
CA VAL B 10 16.94 -9.98 -25.20
C VAL B 10 17.18 -8.83 -24.23
N PHE B 11 16.60 -8.96 -23.05
CA PHE B 11 16.75 -7.94 -22.04
C PHE B 11 18.20 -7.96 -21.56
N PHE B 12 18.86 -6.81 -21.69
CA PHE B 12 20.30 -6.72 -21.51
C PHE B 12 20.60 -5.81 -20.31
N VAL B 13 21.15 -6.42 -19.27
CA VAL B 13 21.45 -5.71 -18.04
C VAL B 13 22.92 -5.93 -17.67
N THR B 14 23.57 -4.87 -17.20
CA THR B 14 25.02 -4.88 -16.95
C THR B 14 25.38 -4.31 -15.59
N SER B 15 26.50 -4.76 -15.06
CA SER B 15 27.17 -4.08 -13.95
C SER B 15 28.37 -3.33 -14.52
N PRO B 16 29.01 -2.48 -13.72
CA PRO B 16 30.27 -1.94 -14.19
C PRO B 16 31.26 -3.09 -14.26
N ILE B 17 32.35 -2.89 -14.97
CA ILE B 17 33.48 -3.84 -14.89
C ILE B 17 34.48 -3.26 -13.91
N TYR B 18 34.97 -4.08 -12.99
CA TYR B 18 35.67 -3.58 -11.81
C TYR B 18 37.19 -3.58 -11.99
N TYR B 19 37.86 -2.57 -11.43
CA TYR B 19 39.32 -2.41 -11.55
C TYR B 19 39.99 -3.49 -10.69
N VAL B 20 40.97 -4.21 -11.25
CA VAL B 20 41.57 -5.38 -10.56
C VAL B 20 42.84 -5.06 -9.75
N ASN B 21 42.98 -3.82 -9.31
CA ASN B 21 44.06 -3.40 -8.41
C ASN B 21 43.70 -3.66 -6.94
N ALA B 22 42.46 -4.07 -6.69
CA ALA B 22 42.01 -4.45 -5.35
C ALA B 22 41.16 -5.71 -5.42
N ALA B 23 41.01 -6.36 -4.27
CA ALA B 23 40.26 -7.59 -4.14
C ALA B 23 38.80 -7.19 -4.14
N PRO B 24 37.90 -8.12 -4.50
CA PRO B 24 36.48 -7.78 -4.44
C PRO B 24 35.99 -7.43 -3.03
N HIS B 25 35.09 -6.44 -2.95
CA HIS B 25 34.55 -5.93 -1.69
C HIS B 25 33.05 -5.60 -1.85
N ILE B 26 32.44 -5.07 -0.80
CA ILE B 26 30.99 -4.88 -0.74
C ILE B 26 30.43 -4.05 -1.91
N GLY B 27 31.10 -2.96 -2.28
CA GLY B 27 30.72 -2.16 -3.44
C GLY B 27 30.53 -2.94 -4.74
N HIS B 28 31.46 -3.84 -5.04
CA HIS B 28 31.37 -4.67 -6.25
C HIS B 28 30.21 -5.66 -6.15
N VAL B 29 30.06 -6.24 -4.96
CA VAL B 29 29.03 -7.22 -4.65
C VAL B 29 27.63 -6.59 -4.72
N TYR B 30 27.52 -5.37 -4.20
CA TYR B 30 26.27 -4.62 -4.26
C TYR B 30 25.87 -4.28 -5.70
N SER B 31 26.83 -3.78 -6.48
CA SER B 31 26.53 -3.41 -7.87
C SER B 31 26.06 -4.62 -8.65
N THR B 32 26.79 -5.73 -8.52
CA THR B 32 26.48 -6.95 -9.26
C THR B 32 25.20 -7.62 -8.72
N LEU B 33 24.89 -7.44 -7.43
CA LEU B 33 23.62 -7.92 -6.87
C LEU B 33 22.43 -7.28 -7.57
N ILE B 34 22.49 -5.95 -7.70
CA ILE B 34 21.41 -5.19 -8.31
C ILE B 34 21.24 -5.68 -9.75
N THR B 35 22.36 -5.82 -10.46
CA THR B 35 22.35 -6.33 -11.83
C THR B 35 21.68 -7.71 -11.87
N ASP B 36 22.06 -8.57 -10.94
CA ASP B 36 21.54 -9.94 -10.89
C ASP B 36 20.04 -10.00 -10.63
N VAL B 37 19.59 -9.18 -9.69
CA VAL B 37 18.18 -9.09 -9.33
C VAL B 37 17.36 -8.65 -10.54
N ILE B 38 17.80 -7.60 -11.22
CA ILE B 38 17.09 -7.12 -12.38
C ILE B 38 17.00 -8.23 -13.43
N GLY B 39 18.12 -8.87 -13.71
CA GLY B 39 18.14 -10.01 -14.63
C GLY B 39 17.19 -11.11 -14.21
N ARG B 40 17.22 -11.48 -12.94
CA ARG B 40 16.35 -12.54 -12.45
C ARG B 40 14.88 -12.17 -12.62
N TYR B 41 14.51 -10.91 -12.31
CA TYR B 41 13.12 -10.51 -12.47
C TYR B 41 12.64 -10.72 -13.90
N HIS B 42 13.46 -10.31 -14.85
CA HIS B 42 13.04 -10.42 -16.23
C HIS B 42 12.97 -11.88 -16.70
N ARG B 43 13.82 -12.75 -16.14
CA ARG B 43 13.73 -14.18 -16.44
C ARG B 43 12.44 -14.77 -15.86
N VAL B 44 12.08 -14.33 -14.65
CA VAL B 44 10.84 -14.78 -14.03
C VAL B 44 9.62 -14.26 -14.80
N LYS B 45 9.75 -13.09 -15.40
CA LYS B 45 8.71 -12.53 -16.25
C LYS B 45 8.53 -13.32 -17.55
N GLY B 46 9.53 -14.14 -17.90
CA GLY B 46 9.47 -14.98 -19.09
C GLY B 46 10.23 -14.39 -20.27
N GLU B 47 11.04 -13.37 -20.02
CA GLU B 47 11.83 -12.77 -21.09
C GLU B 47 13.18 -13.46 -21.25
N ARG B 48 13.77 -13.34 -22.42
CA ARG B 48 15.15 -13.71 -22.62
C ARG B 48 15.99 -12.66 -21.94
N VAL B 49 17.09 -13.11 -21.31
CA VAL B 49 17.95 -12.21 -20.55
C VAL B 49 19.42 -12.50 -20.81
N PHE B 50 20.21 -11.42 -20.87
CA PHE B 50 21.64 -11.50 -20.84
C PHE B 50 22.17 -10.51 -19.80
N ALA B 51 22.69 -11.04 -18.70
CA ALA B 51 23.25 -10.24 -17.65
C ALA B 51 24.77 -10.32 -17.69
N LEU B 52 25.42 -9.17 -17.59
CA LEU B 52 26.85 -9.06 -17.85
C LEU B 52 27.55 -8.42 -16.68
N THR B 53 28.69 -9.00 -16.28
CA THR B 53 29.60 -8.35 -15.33
C THR B 53 31.03 -8.65 -15.77
N GLY B 54 32.01 -8.09 -15.07
CA GLY B 54 33.42 -8.41 -15.36
C GLY B 54 34.46 -7.48 -14.79
N THR B 55 35.65 -7.53 -15.37
CA THR B 55 36.82 -6.84 -14.83
C THR B 55 37.50 -5.88 -15.83
N ASP B 56 37.94 -4.75 -15.28
CA ASP B 56 38.62 -3.69 -16.02
C ASP B 56 40.12 -3.87 -15.73
N GLU B 57 40.89 -4.35 -16.71
CA GLU B 57 42.24 -4.92 -16.43
C GLU B 57 43.51 -4.12 -16.85
N HIS B 58 43.34 -3.14 -17.73
CA HIS B 58 44.47 -2.37 -18.20
C HIS B 58 44.76 -1.14 -17.33
N GLY B 59 45.90 -0.48 -17.60
CA GLY B 59 46.26 0.76 -16.93
C GLY B 59 47.46 0.79 -16.00
N GLN B 60 47.89 2.01 -15.69
CA GLN B 60 49.06 2.28 -14.84
C GLN B 60 49.03 1.64 -13.44
N LYS B 61 47.95 1.90 -12.70
CA LYS B 61 47.83 1.44 -11.31
C LYS B 61 47.91 -0.09 -11.25
N VAL B 62 47.22 -0.79 -12.16
CA VAL B 62 47.27 -2.25 -12.23
C VAL B 62 48.70 -2.72 -12.49
N ALA B 63 49.34 -2.17 -13.51
CA ALA B 63 50.69 -2.57 -13.90
C ALA B 63 51.75 -2.29 -12.84
N GLU B 64 51.53 -1.25 -12.04
CA GLU B 64 52.43 -0.95 -10.91
C GLU B 64 52.20 -1.91 -9.75
N ALA B 65 50.94 -2.30 -9.51
CA ALA B 65 50.62 -3.30 -8.50
C ALA B 65 51.23 -4.64 -8.88
N ALA B 66 51.08 -5.02 -10.15
CA ALA B 66 51.72 -6.23 -10.68
C ALA B 66 53.21 -6.24 -10.40
N LYS B 67 53.85 -5.10 -10.66
CA LYS B 67 55.29 -4.98 -10.46
C LYS B 67 55.68 -5.12 -8.99
N GLN B 68 54.85 -4.58 -8.10
CA GLN B 68 55.06 -4.73 -6.65
C GLN B 68 55.06 -6.20 -6.24
N LYS B 69 54.06 -6.95 -6.71
CA LYS B 69 53.99 -8.39 -6.44
C LYS B 69 55.04 -9.23 -7.19
N GLN B 70 55.86 -8.58 -8.04
CA GLN B 70 56.90 -9.27 -8.82
C GLN B 70 56.30 -10.36 -9.71
N VAL B 71 55.23 -10.00 -10.39
CA VAL B 71 54.54 -10.89 -11.31
C VAL B 71 54.14 -10.11 -12.56
N SER B 72 53.95 -10.79 -13.68
CA SER B 72 53.56 -10.11 -14.93
C SER B 72 52.14 -9.59 -14.81
N PRO B 73 51.82 -8.48 -15.52
CA PRO B 73 50.46 -7.95 -15.50
C PRO B 73 49.41 -8.97 -15.92
N TYR B 74 49.74 -9.79 -16.91
CA TYR B 74 48.88 -10.87 -17.38
C TYR B 74 48.56 -11.86 -16.26
N ASP B 75 49.57 -12.30 -15.51
CA ASP B 75 49.35 -13.22 -14.39
C ASP B 75 48.56 -12.58 -13.24
N PHE B 76 48.86 -11.32 -12.96
CA PHE B 76 48.24 -10.59 -11.85
C PHE B 76 46.75 -10.38 -12.10
N THR B 77 46.41 -9.91 -13.29
CA THR B 77 45.02 -9.65 -13.65
C THR B 77 44.22 -10.95 -13.69
N THR B 78 44.81 -12.01 -14.23
CA THR B 78 44.14 -13.32 -14.29
C THR B 78 43.80 -13.85 -12.88
N ALA B 79 44.72 -13.68 -11.94
CA ALA B 79 44.50 -14.11 -10.57
C ALA B 79 43.39 -13.30 -9.88
N VAL B 80 43.45 -11.97 -9.97
CA VAL B 80 42.47 -11.10 -9.32
C VAL B 80 41.10 -11.26 -9.98
N ALA B 81 41.08 -11.47 -11.29
CA ALA B 81 39.84 -11.78 -12.00
C ALA B 81 39.23 -13.08 -11.47
N GLY B 82 40.08 -14.06 -11.23
CA GLY B 82 39.67 -15.32 -10.59
C GLY B 82 39.07 -15.12 -9.22
N GLU B 83 39.59 -14.16 -8.46
CA GLU B 83 39.02 -13.79 -7.16
C GLU B 83 37.62 -13.20 -7.31
N PHE B 84 37.42 -12.36 -8.33
CA PHE B 84 36.10 -11.78 -8.59
C PHE B 84 35.10 -12.86 -8.98
N LYS B 85 35.49 -13.76 -9.88
CA LYS B 85 34.62 -14.87 -10.31
C LYS B 85 34.18 -15.71 -9.12
N LYS B 86 35.15 -16.04 -8.27
CA LYS B 86 34.90 -16.85 -7.09
C LYS B 86 33.93 -16.15 -6.15
N CYS B 87 34.15 -14.86 -5.91
CA CYS B 87 33.29 -14.06 -5.05
C CYS B 87 31.84 -14.10 -5.54
N PHE B 88 31.66 -13.93 -6.84
CA PHE B 88 30.32 -13.91 -7.43
C PHE B 88 29.67 -15.30 -7.46
N GLU B 89 30.48 -16.36 -7.55
CA GLU B 89 29.96 -17.71 -7.38
C GLU B 89 29.50 -17.94 -5.93
N GLN B 90 30.33 -17.57 -4.96
CA GLN B 90 29.98 -17.68 -3.55
C GLN B 90 28.67 -16.97 -3.22
N MET B 91 28.49 -15.80 -3.85
CA MET B 91 27.31 -14.97 -3.62
C MET B 91 26.06 -15.52 -4.31
N ASP B 92 26.23 -16.56 -5.12
CA ASP B 92 25.10 -17.25 -5.73
C ASP B 92 24.31 -16.33 -6.67
N TYR B 93 25.05 -15.62 -7.53
CA TYR B 93 24.48 -14.80 -8.59
C TYR B 93 24.19 -15.66 -9.81
N SER B 94 23.50 -15.10 -10.79
CA SER B 94 23.18 -15.84 -12.02
C SER B 94 23.47 -14.94 -13.22
N ILE B 95 24.72 -14.53 -13.31
CA ILE B 95 25.20 -13.66 -14.37
C ILE B 95 25.57 -14.53 -15.57
N ASP B 96 25.19 -14.09 -16.76
CA ASP B 96 25.32 -14.92 -17.95
C ASP B 96 26.73 -14.94 -18.52
N TYR B 97 27.49 -13.88 -18.31
CA TYR B 97 28.87 -13.82 -18.83
C TYR B 97 29.75 -12.88 -18.01
N PHE B 98 31.00 -13.29 -17.84
CA PHE B 98 31.99 -12.53 -17.11
C PHE B 98 33.05 -12.08 -18.11
N ILE B 99 33.08 -10.79 -18.39
CA ILE B 99 33.96 -10.25 -19.41
C ILE B 99 35.23 -9.66 -18.80
N ARG B 100 36.33 -9.85 -19.51
CA ARG B 100 37.63 -9.31 -19.11
C ARG B 100 38.17 -8.48 -20.27
N THR B 101 38.67 -7.28 -19.98
CA THR B 101 39.12 -6.38 -21.04
C THR B 101 40.42 -6.86 -21.70
N THR B 102 41.08 -7.86 -21.10
CA THR B 102 42.23 -8.53 -21.73
C THR B 102 41.82 -9.50 -22.83
N ASN B 103 40.53 -9.82 -22.90
CA ASN B 103 40.04 -10.73 -23.90
C ASN B 103 40.28 -10.16 -25.31
N GLU B 104 40.75 -11.01 -26.21
CA GLU B 104 41.14 -10.59 -27.56
C GLU B 104 39.95 -10.07 -28.36
N GLN B 105 38.78 -10.68 -28.17
CA GLN B 105 37.58 -10.25 -28.88
C GLN B 105 37.20 -8.83 -28.45
N HIS B 106 37.32 -8.55 -27.16
CA HIS B 106 37.06 -7.20 -26.67
C HIS B 106 37.99 -6.15 -27.27
N LYS B 107 39.26 -6.49 -27.41
CA LYS B 107 40.26 -5.60 -27.98
C LYS B 107 39.94 -5.26 -29.44
N ALA B 108 39.44 -6.25 -30.18
CA ALA B 108 39.02 -6.07 -31.56
C ALA B 108 37.88 -5.05 -31.66
N VAL B 109 36.93 -5.15 -30.73
CA VAL B 109 35.78 -4.26 -30.71
C VAL B 109 36.25 -2.85 -30.35
N VAL B 110 37.16 -2.72 -29.39
CA VAL B 110 37.70 -1.41 -29.03
C VAL B 110 38.32 -0.76 -30.29
N LYS B 111 39.11 -1.54 -31.02
CA LYS B 111 39.71 -1.07 -32.27
C LYS B 111 38.68 -0.66 -33.32
N GLU B 112 37.63 -1.46 -33.50
CA GLU B 112 36.54 -1.11 -34.43
C GLU B 112 35.91 0.21 -34.06
N LEU B 113 35.55 0.35 -32.80
CA LEU B 113 34.86 1.54 -32.35
C LEU B 113 35.77 2.77 -32.44
N TRP B 114 37.04 2.60 -32.05
CA TRP B 114 38.03 3.67 -32.19
C TRP B 114 38.07 4.13 -33.64
N THR B 115 38.23 3.19 -34.55
CA THR B 115 38.38 3.48 -35.97
C THR B 115 37.15 4.20 -36.52
N LYS B 116 35.97 3.79 -36.07
CA LYS B 116 34.73 4.46 -36.50
C LYS B 116 34.71 5.92 -36.07
N LEU B 117 35.04 6.17 -34.81
CA LEU B 117 35.10 7.54 -34.30
C LEU B 117 36.12 8.42 -35.07
N GLU B 118 37.26 7.83 -35.41
CA GLU B 118 38.32 8.54 -36.13
C GLU B 118 37.84 8.88 -37.54
N GLN B 119 37.24 7.90 -38.22
CA GLN B 119 36.65 8.10 -39.55
C GLN B 119 35.59 9.20 -39.60
N LYS B 120 34.75 9.28 -38.57
CA LYS B 120 33.73 10.34 -38.49
C LYS B 120 34.32 11.74 -38.26
N GLY B 121 35.61 11.82 -37.97
CA GLY B 121 36.25 13.09 -37.67
C GLY B 121 36.07 13.50 -36.22
N ASP B 122 35.75 12.54 -35.35
CA ASP B 122 35.48 12.82 -33.94
C ASP B 122 36.66 12.52 -33.00
N ILE B 123 37.69 11.86 -33.52
CA ILE B 123 38.95 11.77 -32.83
C ILE B 123 39.97 12.33 -33.78
N TYR B 124 40.77 13.23 -33.26
CA TYR B 124 41.83 13.78 -34.04
C TYR B 124 43.13 13.70 -33.27
N LEU B 125 44.22 13.68 -34.00
CA LEU B 125 45.53 13.64 -33.41
C LEU B 125 46.00 15.07 -33.21
N GLY B 126 46.38 15.43 -32.00
CA GLY B 126 46.94 16.75 -31.70
C GLY B 126 48.21 16.73 -30.86
N ARG B 127 49.00 17.80 -30.94
CA ARG B 127 50.17 17.98 -30.07
C ARG B 127 49.78 18.84 -28.86
N TYR B 128 49.86 18.24 -27.68
CA TYR B 128 49.62 18.97 -26.43
C TYR B 128 50.95 19.51 -25.92
N GLU B 129 50.96 20.80 -25.60
CA GLU B 129 52.15 21.50 -25.08
C GLU B 129 51.73 22.21 -23.79
N GLY B 130 52.09 21.63 -22.64
CA GLY B 130 51.60 22.14 -21.35
C GLY B 130 52.03 21.29 -20.19
N TRP B 131 51.47 21.58 -19.01
CA TRP B 131 51.80 20.84 -17.80
C TRP B 131 51.05 19.53 -17.73
N TYR B 132 51.62 18.56 -17.01
CA TYR B 132 51.05 17.23 -16.89
C TYR B 132 51.50 16.60 -15.59
N SER B 133 50.55 16.10 -14.81
CA SER B 133 50.85 15.31 -13.62
C SER B 133 50.83 13.83 -13.98
N ILE B 134 52.00 13.21 -14.03
CA ILE B 134 52.13 11.79 -14.35
C ILE B 134 51.42 10.92 -13.30
N SER B 135 51.51 11.34 -12.04
CA SER B 135 50.90 10.59 -10.94
C SER B 135 49.35 10.58 -10.98
N ASP B 136 48.76 11.67 -11.45
CA ASP B 136 47.30 11.74 -11.64
C ASP B 136 46.87 11.46 -13.08
N GLU B 137 47.85 11.34 -13.99
CA GLU B 137 47.59 11.17 -15.41
C GLU B 137 46.68 12.30 -15.92
N SER B 138 46.91 13.52 -15.43
CA SER B 138 46.06 14.67 -15.71
C SER B 138 46.81 15.79 -16.39
N PHE B 139 46.18 16.34 -17.42
CA PHE B 139 46.62 17.59 -18.03
C PHE B 139 46.16 18.72 -17.13
N LEU B 140 47.04 19.71 -16.95
CA LEU B 140 46.76 20.85 -16.06
C LEU B 140 47.11 22.15 -16.77
N THR B 141 46.31 23.18 -16.53
CA THR B 141 46.62 24.53 -17.02
C THR B 141 47.58 25.22 -16.05
N PRO B 142 48.20 26.35 -16.47
CA PRO B 142 49.11 27.08 -15.56
C PRO B 142 48.48 27.56 -14.25
N GLN B 143 47.16 27.79 -14.25
CA GLN B 143 46.43 28.22 -13.05
C GLN B 143 46.28 27.08 -12.02
N ASN B 144 46.49 25.83 -12.44
CA ASN B 144 46.38 24.66 -11.56
C ASN B 144 47.73 24.11 -11.08
N ILE B 145 48.80 24.91 -11.19
CA ILE B 145 50.13 24.54 -10.69
C ILE B 145 50.67 25.61 -9.74
N THR B 146 51.58 25.24 -8.85
CA THR B 146 52.17 26.17 -7.87
C THR B 146 53.50 25.64 -7.34
N VAL B 158 54.41 21.68 -8.70
CA VAL B 158 53.45 20.70 -8.19
C VAL B 158 52.02 21.05 -8.59
N SER B 159 51.15 20.04 -8.61
CA SER B 159 49.72 20.23 -8.90
C SER B 159 49.04 20.92 -7.71
N LEU B 160 48.18 21.89 -8.01
CA LEU B 160 47.37 22.51 -6.96
C LEU B 160 46.31 21.53 -6.44
N GLU B 161 45.72 20.75 -7.34
CA GLU B 161 44.70 19.78 -6.95
C GLU B 161 45.23 18.65 -6.07
N SER B 162 46.38 18.08 -6.42
CA SER B 162 46.87 16.87 -5.75
C SER B 162 48.22 17.00 -5.01
N GLY B 163 49.03 17.99 -5.36
CA GLY B 163 50.35 18.16 -4.75
C GLY B 163 51.46 17.33 -5.36
N HIS B 164 51.15 16.55 -6.40
CA HIS B 164 52.16 15.73 -7.08
C HIS B 164 52.95 16.57 -8.10
N VAL B 165 54.13 16.08 -8.46
CA VAL B 165 55.07 16.83 -9.30
C VAL B 165 54.54 16.89 -10.73
N VAL B 166 54.61 18.08 -11.34
CA VAL B 166 54.19 18.28 -12.72
C VAL B 166 55.39 18.56 -13.62
N THR B 167 55.33 18.05 -14.84
CA THR B 167 56.39 18.27 -15.83
C THR B 167 55.78 18.91 -17.06
N TRP B 168 56.58 19.71 -17.75
CA TRP B 168 56.15 20.33 -19.01
C TRP B 168 56.34 19.30 -20.11
N VAL B 169 55.28 19.04 -20.86
CA VAL B 169 55.32 18.05 -21.94
C VAL B 169 55.04 18.69 -23.29
N SER B 170 55.64 18.11 -24.32
CA SER B 170 55.25 18.37 -25.69
C SER B 170 55.09 16.99 -26.33
N GLU B 171 53.86 16.48 -26.27
CA GLU B 171 53.56 15.10 -26.64
C GLU B 171 52.34 15.04 -27.54
N GLU B 172 52.40 14.21 -28.58
CA GLU B 172 51.20 13.87 -29.37
C GLU B 172 50.18 13.17 -28.49
N ASN B 173 48.92 13.48 -28.73
CA ASN B 173 47.81 12.92 -27.96
C ASN B 173 46.51 12.90 -28.77
N TYR B 174 45.76 11.80 -28.69
CA TYR B 174 44.45 11.72 -29.34
C TYR B 174 43.27 12.27 -28.48
N MET B 175 42.47 13.15 -29.08
CA MET B 175 41.36 13.81 -28.40
C MET B 175 40.05 13.47 -29.06
N PHE B 176 39.05 13.10 -28.24
CA PHE B 176 37.67 12.95 -28.70
C PHE B 176 36.90 14.29 -28.58
N ARG B 177 36.19 14.68 -29.64
CA ARG B 177 35.53 15.99 -29.73
C ARG B 177 34.20 16.03 -28.95
N LEU B 178 34.29 15.83 -27.64
CA LEU B 178 33.11 15.74 -26.78
C LEU B 178 32.28 17.03 -26.80
N SER B 179 32.97 18.17 -26.90
CA SER B 179 32.30 19.47 -26.93
C SER B 179 31.26 19.54 -28.04
N ALA B 180 31.50 18.84 -29.14
CA ALA B 180 30.58 18.86 -30.27
C ALA B 180 29.29 18.11 -30.02
N PHE B 181 29.20 17.35 -28.93
CA PHE B 181 28.01 16.51 -28.65
C PHE B 181 27.04 17.08 -27.61
N ARG B 182 27.28 18.31 -27.17
CA ARG B 182 26.48 18.92 -26.11
C ARG B 182 24.99 19.00 -26.45
N GLU B 183 24.65 19.60 -27.60
CA GLU B 183 23.24 19.77 -27.99
C GLU B 183 22.55 18.42 -28.12
N ARG B 184 23.23 17.45 -28.73
CA ARG B 184 22.65 16.13 -28.93
C ARG B 184 22.45 15.35 -27.61
N LEU B 185 23.36 15.49 -26.66
CA LEU B 185 23.18 14.86 -25.35
C LEU B 185 22.00 15.49 -24.60
N LEU B 186 21.91 16.82 -24.62
CA LEU B 186 20.79 17.50 -23.99
C LEU B 186 19.46 17.08 -24.63
N GLU B 187 19.42 16.98 -25.95
CA GLU B 187 18.25 16.46 -26.67
C GLU B 187 17.87 15.07 -26.16
N TRP B 188 18.86 14.21 -25.98
CA TRP B 188 18.63 12.85 -25.53
C TRP B 188 18.03 12.79 -24.11
N TYR B 189 18.63 13.52 -23.18
CA TYR B 189 18.12 13.58 -21.80
C TYR B 189 16.66 14.09 -21.73
N HIS B 190 16.33 15.10 -22.53
CA HIS B 190 14.99 15.71 -22.49
CA HIS B 190 15.00 15.74 -22.54
C HIS B 190 13.94 14.85 -23.21
N ALA B 191 14.33 14.15 -24.26
CA ALA B 191 13.42 13.27 -24.98
C ALA B 191 13.20 11.95 -24.25
N ASN B 192 14.11 11.62 -23.33
CA ASN B 192 14.02 10.36 -22.59
C ASN B 192 14.21 10.63 -21.09
N PRO B 193 13.21 11.27 -20.46
CA PRO B 193 13.35 11.79 -19.10
C PRO B 193 13.43 10.71 -18.00
N GLY B 194 13.28 9.44 -18.35
CA GLY B 194 13.62 8.36 -17.43
C GLY B 194 14.93 7.64 -17.72
N CYS B 195 15.80 8.20 -18.55
CA CYS B 195 16.99 7.49 -19.00
C CYS B 195 18.10 7.42 -17.94
N ILE B 196 18.00 8.29 -16.92
CA ILE B 196 18.93 8.28 -15.79
C ILE B 196 18.13 8.32 -14.50
N VAL B 197 18.52 7.46 -13.56
CA VAL B 197 17.78 7.22 -12.33
C VAL B 197 18.77 7.08 -11.18
N PRO B 198 18.49 7.63 -10.01
CA PRO B 198 17.29 8.40 -9.71
C PRO B 198 17.32 9.81 -10.29
N GLU B 199 16.18 10.48 -10.21
CA GLU B 199 15.93 11.72 -10.92
C GLU B 199 16.91 12.85 -10.56
N PHE B 200 17.26 12.99 -9.29
CA PHE B 200 18.18 14.07 -8.93
C PHE B 200 19.55 13.89 -9.62
N ARG B 201 19.94 12.64 -9.90
CA ARG B 201 21.18 12.38 -10.61
C ARG B 201 21.05 12.72 -12.07
N ARG B 202 19.86 12.52 -12.63
CA ARG B 202 19.57 12.99 -13.98
C ARG B 202 19.69 14.52 -14.07
N ARG B 203 19.13 15.24 -13.11
CA ARG B 203 19.25 16.70 -13.08
C ARG B 203 20.71 17.15 -13.00
N GLU B 204 21.50 16.51 -12.12
CA GLU B 204 22.94 16.77 -12.02
C GLU B 204 23.63 16.68 -13.38
N VAL B 205 23.34 15.60 -14.13
CA VAL B 205 24.00 15.39 -15.41
C VAL B 205 23.62 16.49 -16.39
N ILE B 206 22.34 16.82 -16.42
CA ILE B 206 21.85 17.87 -17.30
C ILE B 206 22.51 19.21 -16.99
N ARG B 207 22.59 19.58 -15.72
CA ARG B 207 23.20 20.85 -15.33
C ARG B 207 24.64 20.92 -15.82
N ALA B 208 25.38 19.83 -15.61
CA ALA B 208 26.79 19.74 -16.02
C ALA B 208 26.99 19.92 -17.51
N VAL B 209 26.17 19.27 -18.32
CA VAL B 209 26.27 19.37 -19.78
C VAL B 209 25.84 20.75 -20.29
N GLU B 210 24.81 21.34 -19.67
CA GLU B 210 24.39 22.71 -20.01
C GLU B 210 25.54 23.70 -19.86
N LYS B 211 26.34 23.56 -18.79
CA LYS B 211 27.48 24.45 -18.54
C LYS B 211 28.53 24.43 -19.66
N GLY B 212 28.63 23.31 -20.35
CA GLY B 212 29.55 23.18 -21.49
C GLY B 212 30.42 21.94 -21.30
N LEU B 213 30.91 21.39 -22.40
CA LEU B 213 31.75 20.21 -22.34
C LEU B 213 33.10 20.48 -22.98
N PRO B 214 34.19 20.16 -22.27
CA PRO B 214 35.49 20.17 -22.95
C PRO B 214 35.66 18.90 -23.76
N ASP B 215 36.63 18.90 -24.68
CA ASP B 215 36.99 17.68 -25.39
C ASP B 215 37.72 16.77 -24.41
N LEU B 216 37.86 15.50 -24.79
CA LEU B 216 38.33 14.47 -23.86
C LEU B 216 39.51 13.70 -24.44
N SER B 217 40.58 13.59 -23.64
CA SER B 217 41.76 12.82 -24.03
C SER B 217 41.43 11.35 -23.98
N VAL B 218 41.55 10.68 -25.14
CA VAL B 218 41.24 9.24 -25.23
C VAL B 218 42.47 8.36 -25.47
N SER B 219 43.67 8.94 -25.47
CA SER B 219 44.92 8.12 -25.51
C SER B 219 45.96 8.59 -24.50
N ARG B 220 46.98 7.76 -24.29
CA ARG B 220 48.16 8.13 -23.51
C ARG B 220 49.41 7.53 -24.15
N ALA B 221 50.56 8.13 -23.85
CA ALA B 221 51.85 7.57 -24.29
C ALA B 221 52.07 6.21 -23.66
N ARG B 222 52.60 5.26 -24.43
CA ARG B 222 52.73 3.88 -23.97
C ARG B 222 53.60 3.71 -22.72
N ALA B 223 54.69 4.47 -22.64
CA ALA B 223 55.55 4.43 -21.45
C ALA B 223 54.79 4.81 -20.17
N THR B 224 53.89 5.79 -20.27
CA THR B 224 53.11 6.25 -19.12
C THR B 224 52.30 5.12 -18.49
N LEU B 225 51.74 4.26 -19.33
CA LEU B 225 50.96 3.11 -18.86
C LEU B 225 51.75 1.79 -18.76
N HIS B 226 53.07 1.87 -18.83
CA HIS B 226 53.94 0.68 -18.81
C HIS B 226 53.51 -0.37 -19.83
N ASN B 227 53.06 0.10 -20.99
CA ASN B 227 52.68 -0.75 -22.10
C ASN B 227 51.57 -1.77 -21.76
N TRP B 228 50.75 -1.45 -20.77
CA TRP B 228 49.72 -2.36 -20.33
C TRP B 228 48.34 -1.76 -20.63
N ALA B 229 47.97 -1.86 -21.91
CA ALA B 229 46.77 -1.24 -22.46
C ALA B 229 46.65 -1.61 -23.94
N ILE B 230 45.56 -1.19 -24.58
CA ILE B 230 45.30 -1.55 -25.99
C ILE B 230 45.95 -0.53 -26.93
N PRO B 231 46.73 -1.00 -27.91
CA PRO B 231 47.37 -0.08 -28.83
C PRO B 231 46.35 0.67 -29.69
N VAL B 232 46.60 1.97 -29.89
CA VAL B 232 45.77 2.74 -30.80
C VAL B 232 45.97 2.15 -32.20
N PRO B 233 44.88 1.81 -32.90
CA PRO B 233 45.02 1.27 -34.25
C PRO B 233 45.80 2.23 -35.15
N GLY B 234 46.85 1.73 -35.78
CA GLY B 234 47.68 2.52 -36.66
C GLY B 234 48.71 3.42 -35.97
N ASN B 235 48.86 3.28 -34.66
CA ASN B 235 49.87 4.07 -33.93
C ASN B 235 50.31 3.39 -32.63
N PRO B 236 51.26 2.45 -32.74
CA PRO B 236 51.78 1.68 -31.61
C PRO B 236 52.40 2.50 -30.47
N ASP B 237 52.74 3.77 -30.69
CA ASP B 237 53.28 4.61 -29.61
C ASP B 237 52.22 5.08 -28.63
N HIS B 238 50.94 4.90 -28.98
CA HIS B 238 49.82 5.34 -28.15
C HIS B 238 48.89 4.23 -27.73
N VAL B 240 45.07 3.19 -25.96
CA VAL B 240 43.70 3.61 -25.73
C VAL B 240 43.53 3.81 -24.22
N TYR B 241 43.02 4.97 -23.84
CA TYR B 241 42.89 5.24 -22.41
C TYR B 241 41.64 4.50 -21.83
N VAL B 242 41.37 4.66 -20.53
CA VAL B 242 40.26 3.94 -19.86
C VAL B 242 38.90 4.16 -20.54
N TRP B 243 38.69 5.36 -21.05
CA TRP B 243 37.39 5.71 -21.57
C TRP B 243 36.93 4.69 -22.64
N LEU B 244 37.63 4.65 -23.77
CA LEU B 244 37.16 3.81 -24.87
C LEU B 244 37.35 2.33 -24.59
N ASP B 245 38.32 1.95 -23.77
CA ASP B 245 38.51 0.54 -23.42
C ASP B 245 37.37 -0.04 -22.57
N ALA B 246 37.24 0.44 -21.34
CA ALA B 246 36.29 -0.11 -20.38
C ALA B 246 34.82 -0.02 -20.81
N LEU B 247 34.36 1.17 -21.19
CA LEU B 247 32.93 1.33 -21.55
C LEU B 247 32.51 0.44 -22.71
N THR B 248 33.46 0.17 -23.61
CA THR B 248 33.19 -0.67 -24.77
C THR B 248 32.84 -2.11 -24.39
N ASN B 249 33.18 -2.52 -23.17
CA ASN B 249 32.86 -3.86 -22.71
C ASN B 249 31.38 -4.21 -22.93
N TYR B 250 30.51 -3.23 -22.73
CA TYR B 250 29.07 -3.44 -22.90
C TYR B 250 28.75 -3.82 -24.36
N LEU B 251 29.42 -3.16 -25.30
CA LEU B 251 29.25 -3.48 -26.71
C LEU B 251 29.82 -4.86 -27.03
N THR B 252 31.03 -5.13 -26.56
CA THR B 252 31.65 -6.44 -26.77
C THR B 252 30.75 -7.56 -26.25
N GLY B 253 30.27 -7.40 -25.02
CA GLY B 253 29.39 -8.40 -24.40
C GLY B 253 28.15 -8.68 -25.23
N SER B 254 27.55 -7.62 -25.77
CA SER B 254 26.36 -7.74 -26.62
C SER B 254 26.61 -8.55 -27.89
N ARG B 255 27.88 -8.79 -28.21
CA ARG B 255 28.26 -9.48 -29.44
C ARG B 255 28.94 -10.84 -29.24
N LEU B 256 29.07 -11.31 -28.01
CA LEU B 256 29.68 -12.62 -27.76
C LEU B 256 28.64 -13.73 -27.68
N ARG B 257 28.79 -14.74 -28.52
CA ARG B 257 28.10 -16.02 -28.32
C ARG B 257 28.81 -16.79 -27.22
N VAL B 258 28.05 -17.29 -26.26
CA VAL B 258 28.58 -17.94 -25.06
C VAL B 258 28.03 -19.36 -24.96
N ASP B 259 28.88 -20.33 -24.62
CA ASP B 259 28.47 -21.74 -24.53
C ASP B 259 27.84 -22.09 -23.16
N GLU B 260 27.51 -23.37 -22.96
CA GLU B 260 26.90 -23.84 -21.71
C GLU B 260 27.77 -23.57 -20.47
N SER B 261 29.10 -23.64 -20.62
CA SER B 261 30.03 -23.45 -19.50
C SER B 261 30.36 -21.98 -19.20
N GLY B 262 29.91 -21.05 -20.05
CA GLY B 262 30.13 -19.62 -19.86
C GLY B 262 31.38 -19.05 -20.52
N LYS B 263 32.01 -19.84 -21.38
CA LYS B 263 33.17 -19.37 -22.16
C LYS B 263 32.70 -18.71 -23.45
N GLU B 264 33.38 -17.63 -23.85
CA GLU B 264 33.03 -16.90 -25.07
C GLU B 264 33.52 -17.67 -26.28
N VAL B 265 32.62 -17.95 -27.20
CA VAL B 265 32.92 -18.86 -28.32
C VAL B 265 33.04 -18.18 -29.68
N SER B 266 32.52 -16.97 -29.79
CA SER B 266 32.44 -16.30 -31.08
C SER B 266 32.08 -14.83 -30.91
N LEU B 267 32.61 -13.98 -31.77
CA LEU B 267 32.24 -12.57 -31.81
C LEU B 267 31.54 -12.26 -33.11
N VAL B 268 30.27 -11.86 -33.04
CA VAL B 268 29.51 -11.58 -34.25
C VAL B 268 29.82 -10.17 -34.75
N ASP B 269 29.64 -9.96 -36.06
CA ASP B 269 29.91 -8.67 -36.70
C ASP B 269 28.84 -7.65 -36.35
N ASP B 270 27.58 -8.07 -36.39
CA ASP B 270 26.44 -7.17 -36.24
C ASP B 270 25.77 -7.46 -34.90
N PHE B 271 25.77 -6.48 -34.01
CA PHE B 271 25.14 -6.62 -32.71
C PHE B 271 23.67 -7.08 -32.82
N ASN B 272 22.95 -6.61 -33.84
CA ASN B 272 21.56 -7.01 -34.03
C ASN B 272 21.35 -8.53 -34.07
N GLU B 273 22.36 -9.27 -34.51
CA GLU B 273 22.28 -10.73 -34.56
C GLU B 273 21.92 -11.35 -33.19
N LEU B 274 22.39 -10.76 -32.09
CA LEU B 274 22.14 -11.32 -30.76
C LEU B 274 21.04 -10.58 -29.97
N GLU B 275 20.55 -9.47 -30.51
CA GLU B 275 19.39 -8.75 -29.97
C GLU B 275 19.58 -8.23 -28.53
N ARG B 276 20.82 -7.92 -28.14
CA ARG B 276 21.12 -7.44 -26.80
C ARG B 276 21.37 -5.95 -26.75
N PHE B 277 22.22 -5.46 -27.65
CA PHE B 277 22.55 -4.03 -27.66
C PHE B 277 21.32 -3.25 -28.12
N PRO B 278 21.04 -2.09 -27.52
CA PRO B 278 21.79 -1.53 -26.41
C PRO B 278 21.25 -2.00 -25.07
N ALA B 279 21.98 -1.71 -24.00
CA ALA B 279 21.57 -2.12 -22.68
C ALA B 279 20.23 -1.52 -22.30
N ASP B 280 19.35 -2.37 -21.81
CA ASP B 280 18.10 -1.89 -21.22
C ASP B 280 18.38 -1.20 -19.88
N VAL B 281 19.36 -1.72 -19.13
CA VAL B 281 19.77 -1.14 -17.86
C VAL B 281 21.28 -1.27 -17.62
N HIS B 282 21.93 -0.14 -17.39
CA HIS B 282 23.31 -0.09 -16.94
C HIS B 282 23.28 0.22 -15.44
N VAL B 283 23.69 -0.73 -14.62
CA VAL B 283 23.79 -0.51 -13.19
C VAL B 283 25.20 0.01 -12.87
N ILE B 284 25.28 1.14 -12.16
CA ILE B 284 26.55 1.76 -11.78
C ILE B 284 26.50 2.44 -10.42
N GLY B 285 27.67 2.69 -9.86
CA GLY B 285 27.80 3.54 -8.69
C GLY B 285 27.80 5.01 -9.10
N LYS B 286 27.39 5.88 -8.20
CA LYS B 286 27.36 7.32 -8.47
C LYS B 286 28.75 7.86 -8.87
N ASP B 287 29.80 7.22 -8.36
CA ASP B 287 31.20 7.57 -8.69
C ASP B 287 31.54 7.56 -10.19
N ILE B 288 30.79 6.83 -11.02
CA ILE B 288 31.12 6.76 -12.45
C ILE B 288 29.99 7.23 -13.35
N LEU B 289 29.15 8.13 -12.81
CA LEU B 289 27.97 8.59 -13.54
C LEU B 289 28.33 9.36 -14.80
N LYS B 290 29.31 10.26 -14.70
CA LYS B 290 29.71 11.10 -15.81
C LYS B 290 30.16 10.28 -17.00
N PHE B 291 30.86 9.19 -16.73
CA PHE B 291 31.42 8.36 -17.79
C PHE B 291 30.33 7.65 -18.57
N HIS B 292 29.27 7.26 -17.87
CA HIS B 292 28.17 6.48 -18.46
C HIS B 292 27.06 7.35 -19.03
N ALA B 293 26.86 8.53 -18.46
CA ALA B 293 25.75 9.38 -18.86
C ALA B 293 26.15 10.50 -19.82
N ILE B 294 27.46 10.72 -19.96
CA ILE B 294 28.01 11.76 -20.86
C ILE B 294 28.97 11.16 -21.90
N TYR B 295 30.08 10.54 -21.48
CA TYR B 295 31.08 10.05 -22.45
C TYR B 295 30.51 8.93 -23.33
N TRP B 296 29.98 7.92 -22.66
CA TRP B 296 29.47 6.71 -23.32
C TRP B 296 28.44 7.03 -24.40
N PRO B 297 27.39 7.80 -24.07
CA PRO B 297 26.43 8.11 -25.13
C PRO B 297 27.02 8.94 -26.28
N ALA B 298 27.94 9.85 -25.97
CA ALA B 298 28.61 10.65 -27.00
C ALA B 298 29.36 9.75 -27.97
N PHE B 299 30.07 8.75 -27.45
CA PHE B 299 30.78 7.77 -28.31
C PHE B 299 29.79 7.03 -29.21
N LEU B 300 28.65 6.65 -28.64
CA LEU B 300 27.61 5.90 -29.37
C LEU B 300 26.93 6.77 -30.42
N LEU B 301 26.69 8.02 -30.06
CA LEU B 301 26.21 9.01 -31.02
C LEU B 301 27.21 9.20 -32.16
N SER B 302 28.50 9.28 -31.84
CA SER B 302 29.52 9.46 -32.87
C SER B 302 29.49 8.27 -33.84
N ALA B 303 29.42 7.07 -33.28
CA ALA B 303 29.47 5.83 -34.05
C ALA B 303 28.17 5.45 -34.76
N GLY B 304 27.10 6.19 -34.46
CA GLY B 304 25.78 5.86 -35.00
C GLY B 304 25.22 4.58 -34.40
N LEU B 305 25.44 4.39 -33.10
CA LEU B 305 24.97 3.20 -32.39
C LEU B 305 23.80 3.60 -31.49
N PRO B 306 22.86 2.67 -31.25
CA PRO B 306 21.75 3.00 -30.36
C PRO B 306 22.18 3.23 -28.90
N LEU B 307 21.47 4.14 -28.22
CA LEU B 307 21.82 4.50 -26.85
C LEU B 307 21.10 3.58 -25.87
N PRO B 308 21.65 3.41 -24.66
CA PRO B 308 21.00 2.60 -23.64
C PRO B 308 19.68 3.23 -23.20
N LYS B 309 18.75 2.39 -22.74
CA LYS B 309 17.45 2.86 -22.26
C LYS B 309 17.56 3.55 -20.90
N LYS B 310 18.31 2.95 -19.99
CA LYS B 310 18.39 3.44 -18.62
C LYS B 310 19.76 3.23 -18.01
N ILE B 311 20.23 4.24 -17.31
CA ILE B 311 21.37 4.13 -16.43
C ILE B 311 20.87 4.34 -15.02
N VAL B 312 21.12 3.39 -14.13
CA VAL B 312 20.73 3.54 -12.73
C VAL B 312 21.99 3.63 -11.87
N ALA B 313 22.07 4.71 -11.08
CA ALA B 313 23.25 5.00 -10.29
C ALA B 313 22.93 4.98 -8.81
N HIS B 314 23.52 4.02 -8.10
CA HIS B 314 23.25 3.84 -6.67
C HIS B 314 24.28 4.59 -5.81
N GLY B 315 24.17 4.44 -4.49
CA GLY B 315 25.06 5.04 -3.50
C GLY B 315 26.14 4.13 -2.93
N TRP B 316 26.91 4.66 -1.98
CA TRP B 316 27.96 3.93 -1.27
C TRP B 316 27.53 3.46 0.12
N TRP B 317 28.03 2.31 0.56
CA TRP B 317 27.72 1.79 1.90
C TRP B 317 28.69 2.25 3.00
N THR B 318 28.13 2.71 4.12
CA THR B 318 28.81 2.75 5.42
C THR B 318 28.53 1.48 6.26
N LYS B 319 29.24 1.34 7.38
CA LYS B 319 28.93 0.32 8.38
C LYS B 319 29.02 0.90 9.79
N ASP B 320 27.93 0.81 10.55
CA ASP B 320 27.82 1.44 11.87
C ASP B 320 28.08 2.95 11.80
N ARG B 321 27.52 3.58 10.77
CA ARG B 321 27.64 5.03 10.54
C ARG B 321 29.06 5.53 10.17
N LYS B 322 30.06 4.64 10.13
CA LYS B 322 31.43 5.00 9.78
C LYS B 322 31.84 4.44 8.40
N LYS B 323 32.88 5.04 7.82
CA LYS B 323 33.39 4.59 6.53
C LYS B 323 33.95 3.16 6.61
N ILE B 324 33.76 2.39 5.56
CA ILE B 324 34.23 1.01 5.50
C ILE B 324 35.67 0.98 5.00
N SER B 325 36.57 0.47 5.84
CA SER B 325 38.01 0.44 5.54
C SER B 325 38.72 -0.64 6.36
N LYS B 326 39.61 -1.39 5.70
CA LYS B 326 40.43 -2.40 6.35
C LYS B 326 41.41 -1.74 7.33
N SER B 327 42.13 -0.73 6.83
CA SER B 327 43.11 0.02 7.63
C SER B 327 42.50 0.84 8.77
N LEU B 328 41.35 1.47 8.52
CA LEU B 328 40.67 2.30 9.52
C LEU B 328 39.83 1.48 10.53
N GLY B 329 39.84 0.16 10.41
CA GLY B 329 39.28 -0.72 11.44
C GLY B 329 37.79 -0.90 11.39
N ASN B 330 37.24 -1.05 10.19
CA ASN B 330 35.79 -1.23 10.02
C ASN B 330 35.50 -2.04 8.76
N VAL B 331 35.54 -3.36 8.92
CA VAL B 331 35.38 -4.28 7.81
C VAL B 331 33.92 -4.68 7.64
N PHE B 332 33.48 -4.72 6.39
CA PHE B 332 32.20 -5.30 6.00
C PHE B 332 32.47 -6.32 4.92
N ASP B 333 32.56 -7.59 5.33
CA ASP B 333 32.76 -8.71 4.41
C ASP B 333 31.40 -9.35 4.11
N PRO B 334 30.91 -9.23 2.86
CA PRO B 334 29.59 -9.77 2.51
C PRO B 334 29.48 -11.30 2.63
N VAL B 335 30.55 -12.02 2.31
CA VAL B 335 30.51 -13.49 2.43
C VAL B 335 30.41 -13.88 3.91
N GLU B 336 31.17 -13.19 4.75
CA GLU B 336 31.18 -13.45 6.19
C GLU B 336 29.79 -13.24 6.76
N LYS B 337 29.18 -12.09 6.44
CA LYS B 337 27.83 -11.78 6.94
C LYS B 337 26.76 -12.72 6.40
N ALA B 338 26.93 -13.22 5.18
CA ALA B 338 25.99 -14.15 4.56
C ALA B 338 26.08 -15.54 5.18
N GLU B 339 27.29 -15.96 5.52
CA GLU B 339 27.49 -17.20 6.28
C GLU B 339 26.84 -17.12 7.66
N GLU B 340 26.83 -15.92 8.25
CA GLU B 340 26.25 -15.71 9.58
C GLU B 340 24.73 -15.63 9.55
N PHE B 341 24.17 -14.85 8.63
CA PHE B 341 22.72 -14.56 8.63
C PHE B 341 21.93 -15.23 7.50
N GLY B 342 22.63 -15.75 6.49
CA GLY B 342 21.98 -16.30 5.30
C GLY B 342 22.23 -15.46 4.06
N TYR B 343 22.41 -16.12 2.93
CA TYR B 343 22.68 -15.42 1.69
C TYR B 343 21.46 -14.62 1.20
N ASP B 344 20.30 -15.25 1.10
CA ASP B 344 19.09 -14.54 0.68
C ASP B 344 18.75 -13.39 1.62
N ALA B 345 18.96 -13.60 2.91
CA ALA B 345 18.63 -12.59 3.91
C ALA B 345 19.52 -11.36 3.79
N LEU B 346 20.80 -11.55 3.53
CA LEU B 346 21.71 -10.43 3.34
C LEU B 346 21.33 -9.66 2.08
N LYS B 347 21.04 -10.39 1.02
CA LYS B 347 20.60 -9.78 -0.24
C LYS B 347 19.34 -8.97 -0.03
N TYR B 348 18.35 -9.55 0.67
CA TYR B 348 17.13 -8.84 1.02
C TYR B 348 17.48 -7.56 1.75
N PHE B 349 18.36 -7.66 2.74
CA PHE B 349 18.69 -6.50 3.56
C PHE B 349 19.33 -5.37 2.76
N LEU B 350 20.32 -5.70 1.95
CA LEU B 350 21.00 -4.70 1.14
C LEU B 350 20.06 -3.97 0.19
N LEU B 351 19.10 -4.72 -0.38
CA LEU B 351 18.16 -4.15 -1.33
C LEU B 351 16.99 -3.44 -0.65
N ARG B 352 16.62 -3.86 0.56
CA ARG B 352 15.50 -3.26 1.29
C ARG B 352 15.92 -2.05 2.11
N GLU B 353 17.10 -2.11 2.71
CA GLU B 353 17.51 -1.09 3.66
C GLU B 353 17.64 0.28 3.00
N SER B 354 18.14 0.30 1.76
CA SER B 354 18.44 1.57 1.11
C SER B 354 17.90 1.68 -0.31
N GLY B 355 17.47 2.88 -0.66
CA GLY B 355 17.18 3.20 -2.04
C GLY B 355 18.47 3.61 -2.75
N PHE B 356 18.37 3.79 -4.06
CA PHE B 356 19.52 4.15 -4.87
C PHE B 356 19.85 5.61 -4.67
N SER B 357 18.92 6.38 -4.11
CA SER B 357 19.17 7.78 -3.78
C SER B 357 20.10 7.95 -2.57
N ASP B 358 20.11 6.95 -1.69
CA ASP B 358 20.79 7.04 -0.41
C ASP B 358 22.10 6.28 -0.37
N ASP B 359 22.98 6.70 0.52
CA ASP B 359 24.12 5.94 0.93
C ASP B 359 23.65 5.06 2.08
N GLY B 360 23.42 3.78 1.79
CA GLY B 360 22.98 2.83 2.81
C GLY B 360 23.97 2.65 3.96
N ASP B 361 23.43 2.28 5.13
CA ASP B 361 24.22 1.93 6.32
C ASP B 361 23.88 0.53 6.83
N TYR B 362 24.89 -0.34 6.94
CA TYR B 362 24.71 -1.66 7.54
C TYR B 362 25.08 -1.66 9.03
N SER B 363 24.26 -2.33 9.85
CA SER B 363 24.64 -2.79 11.19
C SER B 363 24.02 -4.14 11.46
N ASP B 364 24.64 -4.91 12.35
CA ASP B 364 24.09 -6.19 12.79
C ASP B 364 22.71 -6.03 13.45
N LYS B 365 22.55 -4.95 14.21
CA LYS B 365 21.28 -4.65 14.85
C LYS B 365 20.15 -4.61 13.83
N ASN B 366 20.29 -3.74 12.82
CA ASN B 366 19.22 -3.54 11.84
C ASN B 366 19.04 -4.72 10.90
N MET B 367 20.13 -5.43 10.62
CA MET B 367 20.08 -6.68 9.88
C MET B 367 19.19 -7.70 10.57
N ILE B 368 19.44 -7.90 11.86
CA ILE B 368 18.65 -8.81 12.69
C ILE B 368 17.19 -8.36 12.78
N ALA B 369 16.97 -7.07 12.94
CA ALA B 369 15.62 -6.51 13.03
C ALA B 369 14.78 -6.79 11.77
N ARG B 370 15.41 -6.71 10.60
CA ARG B 370 14.71 -7.01 9.34
C ARG B 370 14.54 -8.51 9.14
N LEU B 371 15.56 -9.29 9.46
CA LEU B 371 15.46 -10.74 9.41
C LEU B 371 14.29 -11.24 10.25
N ASN B 372 14.26 -10.81 11.51
CA ASN B 372 13.25 -11.27 12.46
C ASN B 372 11.84 -10.78 12.14
N GLY B 373 11.73 -9.48 11.86
CA GLY B 373 10.43 -8.84 11.68
C GLY B 373 9.80 -9.03 10.31
N GLU B 374 10.60 -8.92 9.25
CA GLU B 374 10.07 -9.03 7.89
C GLU B 374 10.16 -10.47 7.38
N LEU B 375 11.36 -11.05 7.37
CA LEU B 375 11.55 -12.38 6.80
C LEU B 375 10.97 -13.52 7.62
N ALA B 376 11.18 -13.49 8.94
CA ALA B 376 10.67 -14.56 9.82
C ALA B 376 9.20 -14.33 10.21
N ASP B 377 8.91 -13.18 10.81
CA ASP B 377 7.59 -12.90 11.37
C ASP B 377 6.50 -12.62 10.33
N THR B 378 6.84 -11.94 9.24
CA THR B 378 5.83 -11.60 8.24
C THR B 378 5.75 -12.71 7.19
N LEU B 379 6.87 -13.02 6.55
CA LEU B 379 6.85 -13.96 5.43
C LEU B 379 6.83 -15.41 5.91
N GLY B 380 7.84 -15.80 6.70
CA GLY B 380 8.02 -17.17 7.13
C GLY B 380 6.84 -17.71 7.94
N ASN B 381 6.41 -16.92 8.91
CA ASN B 381 5.23 -17.24 9.73
C ASN B 381 4.02 -17.60 8.90
N LEU B 382 3.77 -16.80 7.87
CA LEU B 382 2.63 -16.97 7.00
C LEU B 382 2.75 -18.26 6.19
N VAL B 383 3.96 -18.57 5.73
CA VAL B 383 4.19 -19.80 4.99
C VAL B 383 3.91 -21.01 5.85
N MET B 384 4.34 -21.00 7.10
CA MET B 384 4.12 -22.14 8.00
C MET B 384 2.63 -22.31 8.31
N ARG B 385 1.96 -21.22 8.67
CA ARG B 385 0.51 -21.24 8.94
C ARG B 385 -0.30 -21.93 7.84
N CYS B 386 -0.11 -21.51 6.58
CA CYS B 386 -0.97 -22.03 5.51
C CYS B 386 -0.60 -23.44 5.04
N THR B 387 0.59 -23.91 5.41
CA THR B 387 1.01 -25.28 5.11
C THR B 387 0.93 -26.22 6.31
N SER B 388 0.70 -25.66 7.49
CA SER B 388 0.58 -26.43 8.75
C SER B 388 -0.47 -27.55 8.69
N ALA B 389 -0.15 -28.68 9.29
CA ALA B 389 -1.08 -29.82 9.39
C ALA B 389 -2.30 -29.51 10.27
N LYS B 390 -2.09 -28.67 11.28
CA LYS B 390 -3.17 -28.22 12.16
C LYS B 390 -4.28 -27.50 11.38
N ILE B 391 -3.87 -26.71 10.39
CA ILE B 391 -4.79 -25.83 9.66
C ILE B 391 -5.16 -26.41 8.30
N ASN B 392 -4.13 -26.74 7.52
CA ASN B 392 -4.30 -27.42 6.24
C ASN B 392 -4.31 -28.92 6.49
N VAL B 393 -5.45 -29.44 6.93
CA VAL B 393 -5.50 -30.82 7.40
C VAL B 393 -5.35 -31.84 6.27
N ASN B 394 -5.76 -31.47 5.05
CA ASN B 394 -5.65 -32.36 3.90
C ASN B 394 -4.34 -32.22 3.11
N GLY B 395 -3.49 -31.28 3.49
CA GLY B 395 -2.23 -31.04 2.79
C GLY B 395 -2.42 -30.76 1.30
N GLU B 396 -3.31 -29.81 0.98
CA GLU B 396 -3.58 -29.48 -0.41
C GLU B 396 -4.12 -28.06 -0.56
N TRP B 397 -4.21 -27.60 -1.81
CA TRP B 397 -4.89 -26.36 -2.14
C TRP B 397 -6.39 -26.66 -2.19
N PRO B 398 -7.17 -26.08 -1.26
CA PRO B 398 -8.60 -26.34 -1.27
C PRO B 398 -9.33 -25.54 -2.34
N SER B 399 -10.54 -25.98 -2.66
CA SER B 399 -11.41 -25.30 -3.59
C SER B 399 -12.21 -24.25 -2.79
N PRO B 400 -12.16 -22.99 -3.20
CA PRO B 400 -12.82 -21.96 -2.39
C PRO B 400 -14.33 -21.99 -2.52
N ALA B 401 -15.05 -21.66 -1.45
CA ALA B 401 -16.48 -21.43 -1.49
C ALA B 401 -16.73 -19.97 -1.89
N ALA B 402 -17.91 -19.43 -1.59
CA ALA B 402 -18.24 -18.07 -2.01
C ALA B 402 -17.39 -17.02 -1.27
N TYR B 403 -17.06 -15.95 -1.97
CA TYR B 403 -16.20 -14.89 -1.41
C TYR B 403 -17.00 -13.80 -0.72
N THR B 404 -16.56 -13.40 0.46
CA THR B 404 -17.11 -12.23 1.15
C THR B 404 -16.45 -10.95 0.60
N GLU B 405 -16.97 -9.80 1.00
CA GLU B 405 -16.33 -8.53 0.63
C GLU B 405 -14.92 -8.42 1.18
N GLU B 406 -14.72 -8.90 2.41
CA GLU B 406 -13.37 -8.90 2.99
C GLU B 406 -12.41 -9.80 2.20
N ASP B 407 -12.88 -10.97 1.80
CA ASP B 407 -12.11 -11.85 0.92
C ASP B 407 -11.72 -11.11 -0.36
N GLU B 408 -12.69 -10.41 -0.96
CA GLU B 408 -12.48 -9.73 -2.22
C GLU B 408 -11.49 -8.56 -2.08
N SER B 409 -11.48 -7.90 -0.92
CA SER B 409 -10.54 -6.80 -0.71
C SER B 409 -9.11 -7.33 -0.72
N LEU B 410 -8.89 -8.51 -0.16
CA LEU B 410 -7.56 -9.09 -0.15
C LEU B 410 -7.17 -9.60 -1.52
N ILE B 411 -8.11 -10.25 -2.17
CA ILE B 411 -7.92 -10.75 -3.53
C ILE B 411 -7.54 -9.60 -4.48
N GLN B 412 -8.15 -8.45 -4.31
CA GLN B 412 -7.86 -7.32 -5.15
C GLN B 412 -6.41 -6.88 -4.98
N LEU B 413 -5.94 -6.88 -3.74
CA LEU B 413 -4.57 -6.50 -3.46
C LEU B 413 -3.60 -7.46 -4.14
N ILE B 414 -3.94 -8.76 -4.13
CA ILE B 414 -3.09 -9.78 -4.71
C ILE B 414 -3.07 -9.63 -6.22
N LYS B 415 -4.22 -9.33 -6.82
CA LYS B 415 -4.32 -9.11 -8.27
C LYS B 415 -3.59 -7.85 -8.76
N ASP B 416 -3.62 -6.79 -7.96
CA ASP B 416 -2.97 -5.54 -8.33
C ASP B 416 -1.44 -5.61 -8.16
N LEU B 417 -0.98 -6.53 -7.32
CA LEU B 417 0.43 -6.54 -6.94
C LEU B 417 1.40 -6.75 -8.10
N PRO B 418 1.15 -7.69 -9.01
CA PRO B 418 2.12 -7.87 -10.10
C PRO B 418 2.35 -6.64 -10.98
N GLY B 419 1.28 -5.92 -11.31
CA GLY B 419 1.41 -4.71 -12.12
C GLY B 419 2.16 -3.61 -11.40
N THR B 420 1.94 -3.49 -10.10
CA THR B 420 2.61 -2.48 -9.29
C THR B 420 4.09 -2.83 -9.18
N ALA B 421 4.38 -4.07 -8.80
CA ALA B 421 5.75 -4.52 -8.62
C ALA B 421 6.52 -4.44 -9.95
N ASP B 422 5.85 -4.82 -11.04
CA ASP B 422 6.43 -4.69 -12.36
C ASP B 422 6.95 -3.28 -12.67
N HIS B 423 6.12 -2.27 -12.45
CA HIS B 423 6.53 -0.91 -12.72
C HIS B 423 7.75 -0.54 -11.87
N TYR B 424 7.73 -0.94 -10.61
CA TYR B 424 8.85 -0.63 -9.73
C TYR B 424 10.14 -1.30 -10.24
N TYR B 425 10.04 -2.56 -10.62
CA TYR B 425 11.22 -3.28 -11.10
C TYR B 425 11.77 -2.64 -12.38
N LEU B 426 10.89 -2.05 -13.19
CA LEU B 426 11.31 -1.44 -14.44
C LEU B 426 11.89 -0.04 -14.29
N ILE B 427 11.70 0.63 -13.16
CA ILE B 427 12.22 2.00 -12.98
C ILE B 427 13.74 2.13 -13.19
N PRO B 428 14.59 1.31 -12.56
CA PRO B 428 14.24 0.30 -11.56
C PRO B 428 14.34 0.86 -10.16
N ASP B 429 13.48 0.36 -9.28
CA ASP B 429 13.48 0.75 -7.88
C ASP B 429 13.12 -0.47 -7.10
N ILE B 430 14.14 -1.26 -6.76
CA ILE B 430 13.97 -2.55 -6.14
C ILE B 430 13.43 -2.40 -4.71
N GLN B 431 13.85 -1.36 -4.01
CA GLN B 431 13.36 -1.10 -2.66
C GLN B 431 11.84 -0.97 -2.66
N LYS B 432 11.28 -0.22 -3.60
CA LYS B 432 9.84 -0.03 -3.67
C LYS B 432 9.09 -1.30 -4.10
N ALA B 433 9.73 -2.14 -4.92
CA ALA B 433 9.15 -3.42 -5.30
C ALA B 433 9.01 -4.32 -4.09
N ILE B 434 10.05 -4.33 -3.25
CA ILE B 434 10.04 -5.18 -2.06
C ILE B 434 8.95 -4.68 -1.11
N ILE B 435 8.94 -3.37 -0.88
CA ILE B 435 7.95 -2.77 0.00
C ILE B 435 6.53 -3.10 -0.46
N ALA B 436 6.28 -3.04 -1.76
CA ALA B 436 4.95 -3.29 -2.28
C ALA B 436 4.52 -4.73 -1.99
N VAL B 437 5.44 -5.67 -2.15
CA VAL B 437 5.12 -7.06 -1.87
C VAL B 437 4.83 -7.27 -0.38
N PHE B 438 5.70 -6.72 0.46
CA PHE B 438 5.52 -6.87 1.90
C PHE B 438 4.27 -6.16 2.43
N ASP B 439 3.80 -5.11 1.75
CA ASP B 439 2.52 -4.49 2.11
C ASP B 439 1.41 -5.52 1.91
N VAL B 440 1.51 -6.31 0.85
CA VAL B 440 0.52 -7.34 0.59
C VAL B 440 0.66 -8.48 1.60
N LEU B 441 1.90 -8.83 1.96
CA LEU B 441 2.12 -9.87 2.96
C LEU B 441 1.55 -9.48 4.32
N ARG B 442 1.75 -8.22 4.71
CA ARG B 442 1.16 -7.72 5.95
C ARG B 442 -0.37 -7.85 5.92
N ALA B 443 -0.97 -7.49 4.79
CA ALA B 443 -2.43 -7.55 4.64
C ALA B 443 -2.96 -9.00 4.73
N ILE B 444 -2.23 -9.94 4.16
CA ILE B 444 -2.60 -11.36 4.23
C ILE B 444 -2.53 -11.82 5.68
N ASN B 445 -1.45 -11.46 6.38
CA ASN B 445 -1.32 -11.77 7.82
C ASN B 445 -2.47 -11.23 8.65
N ALA B 446 -2.85 -9.99 8.40
CA ALA B 446 -3.99 -9.37 9.08
C ALA B 446 -5.28 -10.15 8.80
N TYR B 447 -5.50 -10.49 7.54
CA TYR B 447 -6.64 -11.30 7.12
C TYR B 447 -6.67 -12.63 7.85
N VAL B 448 -5.53 -13.30 7.93
CA VAL B 448 -5.45 -14.59 8.61
C VAL B 448 -5.82 -14.44 10.08
N THR B 449 -5.27 -13.40 10.72
CA THR B 449 -5.58 -13.09 12.10
C THR B 449 -7.08 -12.80 12.29
N ASP B 450 -7.68 -12.05 11.37
CA ASP B 450 -9.12 -11.77 11.43
C ASP B 450 -9.96 -13.03 11.26
N MET B 451 -9.56 -13.92 10.34
CA MET B 451 -10.34 -15.11 10.05
C MET B 451 -10.07 -16.27 11.01
N ALA B 452 -8.95 -16.22 11.74
CA ALA B 452 -8.59 -17.25 12.71
C ALA B 452 -8.85 -18.67 12.19
N PRO B 453 -8.16 -19.06 11.10
CA PRO B 453 -8.41 -20.37 10.46
C PRO B 453 -8.22 -21.58 11.39
N TRP B 454 -7.40 -21.42 12.42
CA TRP B 454 -7.21 -22.47 13.43
C TRP B 454 -8.50 -22.81 14.17
N LYS B 455 -9.40 -21.83 14.33
CA LYS B 455 -10.72 -22.08 14.91
C LYS B 455 -11.71 -22.66 13.90
N LEU B 456 -11.57 -22.29 12.63
CA LEU B 456 -12.49 -22.73 11.59
C LEU B 456 -12.39 -24.24 11.30
N VAL B 457 -11.22 -24.83 11.54
CA VAL B 457 -11.04 -26.30 11.32
C VAL B 457 -12.15 -27.11 11.99
N LYS B 458 -12.52 -26.72 13.21
CA LYS B 458 -13.60 -27.37 13.95
C LYS B 458 -14.97 -26.76 13.63
N THR B 459 -15.04 -25.43 13.54
CA THR B 459 -16.32 -24.72 13.44
C THR B 459 -16.96 -24.74 12.05
N ASP B 460 -16.20 -24.33 11.04
CA ASP B 460 -16.76 -24.07 9.71
C ASP B 460 -15.77 -24.47 8.60
N PRO B 461 -15.72 -25.77 8.27
CA PRO B 461 -14.78 -26.27 7.25
C PRO B 461 -15.00 -25.65 5.86
N GLU B 462 -16.25 -25.41 5.48
CA GLU B 462 -16.54 -24.75 4.21
C GLU B 462 -15.84 -23.39 4.18
N ARG B 463 -16.04 -22.59 5.22
CA ARG B 463 -15.41 -21.28 5.32
C ARG B 463 -13.87 -21.37 5.29
N LEU B 464 -13.31 -22.36 5.96
CA LEU B 464 -11.86 -22.55 5.96
C LEU B 464 -11.29 -22.78 4.56
N ARG B 465 -12.01 -23.53 3.71
CA ARG B 465 -11.56 -23.75 2.34
C ARG B 465 -11.25 -22.42 1.65
N THR B 466 -12.17 -21.47 1.77
CA THR B 466 -12.07 -20.18 1.14
C THR B 466 -10.85 -19.40 1.67
N VAL B 467 -10.75 -19.35 3.00
CA VAL B 467 -9.70 -18.58 3.66
C VAL B 467 -8.33 -19.16 3.35
N LEU B 468 -8.26 -20.48 3.36
CA LEU B 468 -7.00 -21.16 3.14
C LEU B 468 -6.54 -20.98 1.70
N TYR B 469 -7.46 -21.11 0.75
CA TYR B 469 -7.14 -20.94 -0.66
C TYR B 469 -6.56 -19.57 -0.95
N ILE B 470 -7.25 -18.53 -0.49
CA ILE B 470 -6.81 -17.16 -0.69
C ILE B 470 -5.42 -16.92 -0.10
N THR B 471 -5.20 -17.43 1.11
CA THR B 471 -3.92 -17.29 1.79
C THR B 471 -2.79 -17.94 1.00
N LEU B 472 -3.02 -19.17 0.53
CA LEU B 472 -2.03 -19.89 -0.27
C LEU B 472 -1.71 -19.12 -1.55
N GLU B 473 -2.75 -18.65 -2.23
CA GLU B 473 -2.55 -17.95 -3.49
C GLU B 473 -1.81 -16.64 -3.28
N GLY B 474 -2.08 -15.96 -2.15
CA GLY B 474 -1.36 -14.74 -1.81
C GLY B 474 0.11 -14.99 -1.52
N VAL B 475 0.38 -16.09 -0.83
CA VAL B 475 1.77 -16.45 -0.54
C VAL B 475 2.50 -16.79 -1.83
N ARG B 476 1.82 -17.48 -2.75
CA ARG B 476 2.44 -17.84 -4.03
C ARG B 476 2.81 -16.62 -4.85
N VAL B 477 1.86 -15.71 -5.01
CA VAL B 477 2.06 -14.57 -5.87
C VAL B 477 3.12 -13.64 -5.30
N THR B 478 3.08 -13.39 -3.98
CA THR B 478 4.11 -12.57 -3.33
C THR B 478 5.48 -13.21 -3.50
N THR B 479 5.54 -14.52 -3.31
CA THR B 479 6.79 -15.25 -3.38
C THR B 479 7.35 -15.23 -4.81
N LEU B 480 6.48 -15.41 -5.80
CA LEU B 480 6.90 -15.31 -7.19
C LEU B 480 7.60 -13.98 -7.45
N LEU B 481 6.97 -12.89 -7.03
CA LEU B 481 7.54 -11.56 -7.20
C LEU B 481 8.76 -11.25 -6.32
N LEU B 482 8.93 -11.98 -5.22
CA LEU B 482 10.15 -11.89 -4.40
C LEU B 482 11.24 -12.87 -4.80
N SER B 483 10.95 -13.77 -5.74
CA SER B 483 11.95 -14.77 -6.12
C SER B 483 13.28 -14.20 -6.66
N PRO B 484 13.26 -13.02 -7.32
CA PRO B 484 14.54 -12.40 -7.69
C PRO B 484 15.37 -11.93 -6.50
N ILE B 485 14.69 -11.60 -5.41
CA ILE B 485 15.34 -11.13 -4.19
C ILE B 485 15.78 -12.31 -3.32
N LEU B 486 14.95 -13.34 -3.27
CA LEU B 486 15.19 -14.53 -2.44
C LEU B 486 15.18 -15.77 -3.34
N PRO B 487 16.21 -15.92 -4.17
CA PRO B 487 16.17 -16.99 -5.17
C PRO B 487 16.10 -18.42 -4.61
N ARG B 488 16.82 -18.69 -3.53
CA ARG B 488 16.82 -20.03 -2.93
C ARG B 488 15.63 -20.27 -2.02
N LYS B 489 15.33 -19.29 -1.16
CA LYS B 489 14.18 -19.41 -0.26
C LYS B 489 12.85 -19.48 -1.02
N SER B 490 12.75 -18.78 -2.15
CA SER B 490 11.53 -18.84 -2.95
C SER B 490 11.28 -20.27 -3.43
N VAL B 491 12.35 -20.97 -3.76
CA VAL B 491 12.26 -22.37 -4.19
C VAL B 491 11.77 -23.24 -3.04
N VAL B 492 12.31 -23.00 -1.84
CA VAL B 492 11.87 -23.74 -0.66
C VAL B 492 10.38 -23.50 -0.43
N ILE B 493 9.96 -22.23 -0.55
CA ILE B 493 8.56 -21.89 -0.31
C ILE B 493 7.64 -22.58 -1.31
N PHE B 494 8.01 -22.55 -2.59
CA PHE B 494 7.21 -23.21 -3.61
C PHE B 494 7.13 -24.72 -3.40
N ASP B 495 8.23 -25.34 -2.99
CA ASP B 495 8.22 -26.76 -2.68
C ASP B 495 7.21 -27.08 -1.58
N MET B 496 7.23 -26.28 -0.51
CA MET B 496 6.28 -26.46 0.59
C MET B 496 4.83 -26.32 0.10
N LEU B 497 4.58 -25.31 -0.73
CA LEU B 497 3.25 -25.09 -1.30
C LEU B 497 2.85 -26.12 -2.35
N GLY B 498 3.81 -26.89 -2.85
CA GLY B 498 3.56 -27.86 -3.91
C GLY B 498 3.29 -27.25 -5.28
N VAL B 499 3.85 -26.07 -5.52
CA VAL B 499 3.66 -25.37 -6.79
C VAL B 499 4.48 -26.07 -7.87
N PRO B 500 3.82 -26.59 -8.92
CA PRO B 500 4.58 -27.18 -10.02
C PRO B 500 5.57 -26.20 -10.64
N GLU B 501 6.68 -26.74 -11.14
CA GLU B 501 7.74 -25.95 -11.78
C GLU B 501 7.23 -25.00 -12.84
N VAL B 502 6.33 -25.47 -13.69
CA VAL B 502 5.82 -24.64 -14.77
C VAL B 502 5.19 -23.34 -14.25
N HIS B 503 4.64 -23.37 -13.03
CA HIS B 503 3.99 -22.19 -12.46
C HIS B 503 4.93 -21.27 -11.68
N ARG B 504 6.22 -21.58 -11.65
CA ARG B 504 7.20 -20.78 -10.90
C ARG B 504 7.81 -19.65 -11.71
N LYS B 505 7.44 -19.55 -12.99
CA LYS B 505 7.93 -18.49 -13.86
C LYS B 505 6.89 -18.19 -14.94
N GLY B 506 7.06 -17.03 -15.58
CA GLY B 506 6.18 -16.62 -16.66
C GLY B 506 5.14 -15.63 -16.22
N ILE B 507 4.95 -14.59 -17.02
CA ILE B 507 3.98 -13.53 -16.73
C ILE B 507 2.56 -14.05 -16.60
N GLU B 508 2.25 -15.14 -17.30
CA GLU B 508 0.93 -15.74 -17.20
C GLU B 508 0.65 -16.25 -15.76
N ASN B 509 1.69 -16.60 -14.99
CA ASN B 509 1.53 -17.03 -13.58
C ASN B 509 1.52 -15.90 -12.52
N PHE B 510 1.59 -14.66 -12.98
CA PHE B 510 1.34 -13.50 -12.12
C PHE B 510 -0.15 -13.42 -11.80
N GLU B 511 -0.99 -14.00 -12.65
CA GLU B 511 -2.45 -13.95 -12.47
C GLU B 511 -2.94 -14.74 -11.28
N PHE B 512 -3.90 -14.15 -10.56
CA PHE B 512 -4.56 -14.82 -9.45
C PHE B 512 -5.24 -16.08 -9.96
N GLY B 513 -5.02 -17.19 -9.25
CA GLY B 513 -5.71 -18.46 -9.53
C GLY B 513 -5.01 -19.42 -10.48
N ALA B 514 -3.71 -19.23 -10.68
CA ALA B 514 -2.96 -20.02 -11.66
C ALA B 514 -2.67 -21.45 -11.20
N VAL B 515 -2.80 -21.73 -9.91
CA VAL B 515 -2.56 -23.05 -9.37
C VAL B 515 -3.90 -23.64 -8.93
N PRO B 516 -4.32 -24.76 -9.53
CA PRO B 516 -5.67 -25.26 -9.30
C PRO B 516 -5.87 -25.89 -7.92
N PRO B 517 -7.09 -25.79 -7.40
CA PRO B 517 -7.45 -26.61 -6.22
C PRO B 517 -7.19 -28.09 -6.48
N GLY B 518 -6.80 -28.81 -5.43
CA GLY B 518 -6.43 -30.21 -5.55
C GLY B 518 -4.92 -30.42 -5.61
N THR B 519 -4.19 -29.39 -6.02
CA THR B 519 -2.73 -29.41 -5.96
C THR B 519 -2.26 -29.82 -4.56
N ARG B 520 -1.43 -30.84 -4.50
CA ARG B 520 -0.96 -31.39 -3.22
C ARG B 520 0.23 -30.59 -2.74
N LEU B 521 0.30 -30.34 -1.43
CA LEU B 521 1.46 -29.66 -0.83
C LEU B 521 2.66 -30.58 -0.86
N GLY B 522 3.83 -30.00 -0.64
CA GLY B 522 5.06 -30.76 -0.57
C GLY B 522 5.18 -31.41 0.80
N PRO B 523 6.09 -32.39 0.94
CA PRO B 523 6.28 -33.04 2.23
C PRO B 523 6.82 -32.08 3.29
N ALA B 524 6.64 -32.44 4.55
CA ALA B 524 7.14 -31.65 5.68
C ALA B 524 8.40 -32.29 6.25
N VAL B 525 9.10 -31.55 7.10
CA VAL B 525 10.33 -32.04 7.76
C VAL B 525 10.21 -31.81 9.28
N GLU B 526 10.87 -32.68 10.06
CA GLU B 526 10.79 -32.65 11.53
C GLU B 526 10.70 -31.25 12.13
N GLY B 527 11.78 -30.47 12.01
CA GLY B 527 11.83 -29.13 12.57
C GLY B 527 12.35 -28.09 11.59
N GLU B 528 11.80 -28.10 10.38
CA GLU B 528 12.24 -27.18 9.33
C GLU B 528 11.74 -25.75 9.60
N VAL B 529 12.65 -24.78 9.43
CA VAL B 529 12.31 -23.36 9.50
C VAL B 529 12.85 -22.67 8.26
N LEU B 530 12.08 -21.70 7.78
CA LEU B 530 12.47 -20.92 6.62
C LEU B 530 13.56 -19.91 7.00
N PHE B 531 13.25 -19.07 7.98
CA PHE B 531 14.18 -18.07 8.48
C PHE B 531 14.22 -18.17 10.00
N SER B 532 15.37 -18.58 10.54
CA SER B 532 15.54 -18.69 11.98
C SER B 532 15.81 -17.31 12.57
N LYS B 533 15.00 -16.91 13.54
CA LYS B 533 15.20 -15.65 14.24
C LYS B 533 16.48 -15.70 15.07
N ARG B 534 17.11 -14.55 15.29
CA ARG B 534 18.41 -14.49 15.95
C ARG B 534 18.41 -13.53 17.11
N SER B 535 19.31 -13.78 18.07
CA SER B 535 19.32 -13.11 19.37
C SER B 535 19.31 -11.58 19.28
N THR B 536 18.47 -10.98 20.12
CA THR B 536 18.22 -9.53 20.12
C THR B 536 19.33 -8.73 20.80
#